data_6KDX
#
_entry.id   6KDX
#
_cell.length_a   50.417
_cell.length_b   81.440
_cell.length_c   159.976
_cell.angle_alpha   90.000
_cell.angle_beta   90.000
_cell.angle_gamma   90.000
#
_symmetry.space_group_name_H-M   'P 21 21 21'
#
loop_
_entity.id
_entity.type
_entity.pdbx_description
1 polymer "cAMP and cAMP-inhibited cGMP 3',5'-cyclic phosphodiesterase 10A"
2 non-polymer 'ZINC ION'
3 non-polymer 'MAGNESIUM ION'
4 non-polymer N-[2-(5,7-dimethyl-[1,2,4]triazolo[1,5-a]pyrimidin-2-yl)ethyl]quinolin-2-amine
5 water water
#
_entity_poly.entity_id   1
_entity_poly.type   'polypeptide(L)'
_entity_poly.pdbx_seq_one_letter_code
;GSHMSICTSEEWQGLMQFTLPVRLCKEIELFHFDIGPFENMWPGIFVYMVHRSCGTSCFELEKLCRFIMSVKKNYRRVPY
HNWKHAVTVAHCMYAILQNNHTLFTDLERKGLLIACLCHDLDHRGFSNSYLQKFDHPLAALYSTSTMEQHHFSQTVSILQ
LEGHNIFSTLSSSEYEQVLEIIRKAIIATDLALYFGNRKQLEEMYQTGSLNLNNQSHRDRVIGLMMTACDLCSVTKLWPV
TKLTANDIYAEFWAEGDEMKKLGIQPIPMMDRDKKDEVPQGQLGFYNAVAIPCYTTLTQILPPTEPLLKACRDNLSQWEK
VIRGEETATWISSPSVAQKAAASED
;
_entity_poly.pdbx_strand_id   A,B
#
loop_
_chem_comp.id
_chem_comp.type
_chem_comp.name
_chem_comp.formula
D6X non-polymer N-[2-(5,7-dimethyl-[1,2,4]triazolo[1,5-a]pyrimidin-2-yl)ethyl]quinolin-2-amine 'C18 H18 N6'
MG non-polymer 'MAGNESIUM ION' 'Mg 2'
ZN non-polymer 'ZINC ION' 'Zn 2'
#
# COMPACT_ATOMS: atom_id res chain seq x y z
N HIS A 3 -35.58 -14.64 -19.24
CA HIS A 3 -34.35 -15.26 -18.64
C HIS A 3 -33.88 -14.50 -17.43
N MET A 4 -34.54 -13.36 -17.19
CA MET A 4 -34.40 -12.57 -15.96
C MET A 4 -35.39 -13.07 -14.93
N SER A 5 -35.10 -12.84 -13.66
CA SER A 5 -35.99 -13.28 -12.60
C SER A 5 -36.70 -12.12 -11.94
N ILE A 6 -38.02 -12.26 -11.82
CA ILE A 6 -38.85 -11.23 -11.19
C ILE A 6 -39.23 -11.61 -9.79
N CYS A 7 -39.48 -10.60 -8.97
CA CYS A 7 -40.02 -10.82 -7.65
C CYS A 7 -41.53 -10.99 -7.74
N THR A 8 -42.10 -11.43 -6.61
CA THR A 8 -43.53 -11.60 -6.48
C THR A 8 -44.10 -10.38 -5.79
N SER A 9 -45.42 -10.19 -5.93
CA SER A 9 -46.13 -9.06 -5.33
C SER A 9 -45.88 -8.97 -3.83
N GLU A 10 -46.02 -10.11 -3.15
CA GLU A 10 -45.63 -10.33 -1.74
C GLU A 10 -44.30 -9.70 -1.28
N GLU A 11 -43.21 -10.20 -1.88
CA GLU A 11 -41.87 -9.65 -1.70
C GLU A 11 -41.87 -8.10 -1.78
N TRP A 12 -42.29 -7.52 -2.90
CA TRP A 12 -42.19 -6.06 -3.05
C TRP A 12 -43.11 -5.23 -2.17
N GLN A 13 -44.33 -5.70 -1.96
CA GLN A 13 -45.26 -4.99 -1.07
C GLN A 13 -44.75 -5.03 0.38
N GLY A 14 -44.25 -6.19 0.83
CA GLY A 14 -43.67 -6.29 2.18
C GLY A 14 -42.59 -5.24 2.41
N LEU A 15 -41.81 -5.02 1.35
CA LEU A 15 -40.75 -4.04 1.33
C LEU A 15 -41.28 -2.62 1.62
N MET A 16 -42.32 -2.22 0.86
CA MET A 16 -42.93 -0.89 1.00
C MET A 16 -43.31 -0.60 2.42
N GLN A 17 -43.72 -1.64 3.12
CA GLN A 17 -44.19 -1.47 4.50
C GLN A 17 -43.07 -1.33 5.53
N PHE A 18 -41.86 -1.80 5.20
CA PHE A 18 -40.74 -1.76 6.15
C PHE A 18 -40.27 -0.35 6.62
N THR A 19 -40.09 -0.21 7.94
CA THR A 19 -39.43 0.98 8.51
C THR A 19 -38.18 0.61 9.30
N LEU A 20 -37.21 1.51 9.32
CA LEU A 20 -35.92 1.19 9.93
C LEU A 20 -35.91 1.48 11.43
N PRO A 21 -35.57 0.47 12.25
CA PRO A 21 -35.56 0.73 13.69
C PRO A 21 -34.69 1.93 14.02
N VAL A 22 -35.25 2.79 14.86
CA VAL A 22 -34.65 4.07 15.24
C VAL A 22 -33.18 4.00 15.60
N ARG A 23 -32.80 2.94 16.31
CA ARG A 23 -31.42 2.76 16.73
C ARG A 23 -30.38 2.58 15.58
N LEU A 24 -30.75 1.90 14.51
CA LEU A 24 -29.85 1.75 13.36
C LEU A 24 -29.59 3.09 12.61
N CYS A 25 -30.46 4.08 12.80
CA CYS A 25 -30.35 5.31 12.02
C CYS A 25 -28.96 5.90 12.16
N LYS A 26 -28.50 6.04 13.40
CA LYS A 26 -27.19 6.56 13.63
C LYS A 26 -26.11 5.63 13.10
N GLU A 27 -26.14 4.37 13.51
CA GLU A 27 -25.12 3.40 13.06
C GLU A 27 -24.95 3.30 11.54
N ILE A 28 -26.02 3.45 10.77
CA ILE A 28 -25.91 3.35 9.31
C ILE A 28 -24.99 4.42 8.71
N GLU A 29 -24.86 5.54 9.41
CA GLU A 29 -24.13 6.69 8.84
C GLU A 29 -22.63 6.47 8.91
N LEU A 30 -22.24 5.53 9.76
CA LEU A 30 -20.83 5.23 9.95
C LEU A 30 -20.25 4.32 8.89
N PHE A 31 -19.00 4.60 8.55
CA PHE A 31 -18.28 3.87 7.51
C PHE A 31 -18.09 2.39 7.88
N HIS A 32 -17.72 2.11 9.13
CA HIS A 32 -17.57 0.71 9.58
C HIS A 32 -18.84 -0.10 9.86
N PHE A 33 -20.02 0.50 9.72
CA PHE A 33 -21.30 -0.22 9.93
C PHE A 33 -21.29 -1.57 9.25
N ASP A 34 -21.72 -2.60 9.99
CA ASP A 34 -21.81 -3.95 9.43
C ASP A 34 -23.24 -4.36 9.29
N ILE A 35 -23.67 -4.67 8.05
CA ILE A 35 -25.07 -5.07 7.79
C ILE A 35 -25.35 -6.50 8.22
N GLY A 36 -24.27 -7.23 8.52
CA GLY A 36 -24.31 -8.66 8.81
C GLY A 36 -25.48 -9.15 9.67
N PRO A 37 -25.68 -8.55 10.84
CA PRO A 37 -26.72 -8.98 11.79
C PRO A 37 -28.16 -8.75 11.37
N PHE A 38 -28.40 -8.18 10.19
CA PHE A 38 -29.73 -7.65 9.86
C PHE A 38 -30.34 -8.11 8.53
N GLU A 39 -30.12 -9.35 8.14
CA GLU A 39 -30.58 -9.83 6.80
C GLU A 39 -31.97 -9.39 6.33
N ASN A 40 -33.00 -9.61 7.16
CA ASN A 40 -34.40 -9.25 6.87
C ASN A 40 -34.46 -7.92 6.25
N MET A 41 -33.67 -7.03 6.87
CA MET A 41 -33.74 -5.61 6.65
C MET A 41 -32.97 -5.14 5.42
N TRP A 42 -32.10 -6.00 4.87
CA TRP A 42 -31.20 -5.50 3.85
C TRP A 42 -31.90 -4.76 2.75
N PRO A 43 -33.04 -5.30 2.24
CA PRO A 43 -33.62 -4.51 1.14
C PRO A 43 -34.16 -3.21 1.70
N GLY A 44 -34.71 -3.26 2.90
CA GLY A 44 -35.27 -2.07 3.51
C GLY A 44 -34.20 -1.02 3.77
N ILE A 45 -33.04 -1.51 4.21
CA ILE A 45 -31.87 -0.67 4.45
C ILE A 45 -31.45 0.08 3.18
N PHE A 46 -31.58 -0.55 2.01
CA PHE A 46 -31.23 0.12 0.76
C PHE A 46 -32.21 1.22 0.37
N VAL A 47 -33.51 0.94 0.48
CA VAL A 47 -34.57 1.93 0.27
C VAL A 47 -34.32 3.11 1.20
N TYR A 48 -33.97 2.79 2.44
CA TYR A 48 -33.71 3.85 3.38
C TYR A 48 -32.56 4.72 2.92
N MET A 49 -31.51 4.08 2.43
CA MET A 49 -30.33 4.83 2.06
C MET A 49 -30.66 5.66 0.81
N VAL A 50 -31.40 5.05 -0.13
CA VAL A 50 -31.87 5.78 -1.28
C VAL A 50 -32.61 7.04 -0.83
N HIS A 51 -33.64 6.86 0.01
CA HIS A 51 -34.49 7.99 0.43
C HIS A 51 -33.74 9.09 1.11
N ARG A 52 -32.75 8.71 1.94
CA ARG A 52 -31.86 9.69 2.58
C ARG A 52 -30.86 10.38 1.65
N SER A 53 -30.38 9.68 0.62
CA SER A 53 -29.49 10.29 -0.36
C SER A 53 -30.21 11.26 -1.28
N CYS A 54 -31.28 10.78 -1.92
CA CYS A 54 -31.89 11.49 -3.04
C CYS A 54 -33.31 11.99 -2.76
N GLY A 55 -33.79 11.78 -1.53
CA GLY A 55 -35.14 12.22 -1.18
C GLY A 55 -36.24 11.21 -1.48
N THR A 56 -37.27 11.25 -0.64
CA THR A 56 -38.40 10.30 -0.59
C THR A 56 -39.27 10.16 -1.87
N SER A 57 -39.12 11.09 -2.80
CA SER A 57 -39.92 11.07 -4.02
C SER A 57 -38.99 11.18 -5.25
N CYS A 58 -37.80 10.61 -5.10
CA CYS A 58 -36.83 10.56 -6.19
C CYS A 58 -37.17 9.40 -7.14
N PHE A 59 -37.78 8.36 -6.59
CA PHE A 59 -38.32 7.26 -7.37
C PHE A 59 -39.73 6.94 -6.90
N GLU A 60 -40.56 6.47 -7.82
CA GLU A 60 -41.88 5.93 -7.45
C GLU A 60 -41.65 4.70 -6.57
N LEU A 61 -42.16 4.78 -5.36
CA LEU A 61 -41.90 3.79 -4.33
C LEU A 61 -42.21 2.36 -4.77
N GLU A 62 -43.35 2.17 -5.44
CA GLU A 62 -43.72 0.88 -6.03
C GLU A 62 -42.63 0.30 -7.01
N LYS A 63 -42.25 1.08 -8.03
CA LYS A 63 -41.22 0.68 -9.02
C LYS A 63 -39.87 0.43 -8.39
N LEU A 64 -39.44 1.32 -7.47
CA LEU A 64 -38.23 1.10 -6.68
C LEU A 64 -38.23 -0.26 -5.93
N CYS A 65 -39.28 -0.56 -5.18
CA CYS A 65 -39.28 -1.78 -4.36
C CYS A 65 -39.27 -3.03 -5.23
N ARG A 66 -39.90 -2.92 -6.39
CA ARG A 66 -39.92 -4.02 -7.32
C ARG A 66 -38.50 -4.25 -7.90
N PHE A 67 -37.84 -3.17 -8.26
CA PHE A 67 -36.45 -3.25 -8.75
C PHE A 67 -35.51 -3.92 -7.73
N ILE A 68 -35.48 -3.36 -6.53
CA ILE A 68 -34.71 -3.93 -5.41
C ILE A 68 -34.97 -5.43 -5.22
N MET A 69 -36.23 -5.84 -5.14
CA MET A 69 -36.51 -7.26 -4.88
C MET A 69 -36.19 -8.19 -6.08
N SER A 70 -36.24 -7.67 -7.30
CA SER A 70 -35.84 -8.47 -8.47
C SER A 70 -34.30 -8.60 -8.60
N VAL A 71 -33.59 -7.57 -8.14
CA VAL A 71 -32.15 -7.57 -8.10
C VAL A 71 -31.72 -8.64 -7.11
N LYS A 72 -32.30 -8.61 -5.92
CA LYS A 72 -32.03 -9.63 -4.92
C LYS A 72 -32.11 -11.01 -5.55
N LYS A 73 -33.24 -11.29 -6.18
CA LYS A 73 -33.49 -12.61 -6.78
C LYS A 73 -32.50 -13.02 -7.87
N ASN A 74 -31.68 -12.10 -8.35
CA ASN A 74 -30.71 -12.40 -9.41
C ASN A 74 -29.26 -12.48 -8.87
N TYR A 75 -29.11 -12.40 -7.55
CA TYR A 75 -27.88 -12.75 -6.90
C TYR A 75 -27.95 -14.22 -6.56
N ARG A 76 -26.90 -14.98 -6.85
CA ARG A 76 -26.92 -16.40 -6.57
C ARG A 76 -26.47 -16.70 -5.17
N ARG A 77 -26.67 -17.95 -4.75
CA ARG A 77 -26.32 -18.38 -3.38
C ARG A 77 -24.90 -18.87 -3.25
N VAL A 78 -23.97 -18.07 -3.77
CA VAL A 78 -22.53 -18.28 -3.60
C VAL A 78 -22.04 -17.71 -2.26
N PRO A 79 -20.83 -18.12 -1.79
CA PRO A 79 -20.40 -17.72 -0.44
C PRO A 79 -20.06 -16.24 -0.26
N TYR A 80 -19.60 -15.58 -1.32
CA TYR A 80 -19.18 -14.19 -1.18
C TYR A 80 -19.80 -13.18 -2.14
N HIS A 81 -19.83 -13.47 -3.44
CA HIS A 81 -20.44 -12.53 -4.41
C HIS A 81 -21.97 -12.59 -4.43
N ASN A 82 -22.57 -12.26 -3.30
CA ASN A 82 -23.99 -12.44 -3.19
C ASN A 82 -24.71 -11.13 -2.84
N TRP A 83 -25.96 -11.30 -2.49
CA TRP A 83 -26.86 -10.23 -2.11
C TRP A 83 -26.28 -9.41 -0.99
N LYS A 84 -25.76 -10.10 0.01
CA LYS A 84 -25.08 -9.47 1.12
C LYS A 84 -23.92 -8.60 0.66
N HIS A 85 -23.16 -9.07 -0.32
CA HIS A 85 -22.05 -8.24 -0.83
C HIS A 85 -22.65 -7.04 -1.57
N ALA A 86 -23.68 -7.29 -2.34
CA ALA A 86 -24.42 -6.28 -3.06
C ALA A 86 -24.79 -5.05 -2.16
N VAL A 87 -25.32 -5.31 -0.97
CA VAL A 87 -25.81 -4.26 -0.08
C VAL A 87 -24.68 -3.59 0.71
N THR A 88 -23.64 -4.34 0.99
CA THR A 88 -22.47 -3.83 1.71
C THR A 88 -21.76 -2.76 0.92
N VAL A 89 -21.47 -3.08 -0.33
CA VAL A 89 -20.92 -2.13 -1.31
C VAL A 89 -21.85 -0.93 -1.45
N ALA A 90 -23.15 -1.18 -1.63
CA ALA A 90 -24.17 -0.12 -1.65
C ALA A 90 -24.08 0.80 -0.44
N HIS A 91 -24.02 0.19 0.76
CA HIS A 91 -23.85 0.96 1.98
C HIS A 91 -22.63 1.78 2.07
N CYS A 92 -21.49 1.23 1.68
CA CYS A 92 -20.25 2.02 1.66
C CYS A 92 -20.34 3.26 0.67
N MET A 93 -21.01 3.11 -0.47
CA MET A 93 -21.12 4.20 -1.41
C MET A 93 -22.05 5.29 -0.83
N TYR A 94 -23.10 4.88 -0.12
CA TYR A 94 -23.95 5.80 0.64
C TYR A 94 -23.14 6.64 1.63
N ALA A 95 -22.41 5.99 2.52
CA ALA A 95 -21.50 6.72 3.40
C ALA A 95 -20.56 7.71 2.65
N ILE A 96 -20.07 7.31 1.48
CA ILE A 96 -19.13 8.15 0.73
C ILE A 96 -19.90 9.33 0.12
N LEU A 97 -21.05 9.05 -0.46
CA LEU A 97 -21.91 10.08 -0.98
C LEU A 97 -22.37 11.09 0.07
N GLN A 98 -22.68 10.60 1.26
CA GLN A 98 -23.21 11.41 2.37
C GLN A 98 -22.16 12.35 2.95
N ASN A 99 -20.94 11.85 3.00
CA ASN A 99 -19.80 12.61 3.54
C ASN A 99 -19.14 13.50 2.50
N ASN A 100 -19.69 13.56 1.28
CA ASN A 100 -19.14 14.43 0.21
C ASN A 100 -20.30 15.03 -0.58
N HIS A 101 -21.35 15.41 0.15
CA HIS A 101 -22.65 15.58 -0.48
C HIS A 101 -22.70 16.49 -1.67
N THR A 102 -22.02 17.61 -1.63
CA THR A 102 -22.15 18.50 -2.79
C THR A 102 -21.21 18.24 -3.96
N LEU A 103 -20.37 17.22 -3.86
CA LEU A 103 -19.45 16.92 -4.94
C LEU A 103 -20.11 16.23 -6.14
N PHE A 104 -21.24 15.58 -5.90
CA PHE A 104 -21.87 14.77 -6.92
C PHE A 104 -23.26 15.29 -7.23
N THR A 105 -23.73 14.96 -8.41
CA THR A 105 -25.03 15.39 -8.89
C THR A 105 -26.06 14.38 -8.42
N ASP A 106 -27.29 14.85 -8.23
CA ASP A 106 -28.45 13.98 -8.01
C ASP A 106 -28.40 12.76 -8.91
N LEU A 107 -28.08 12.98 -10.18
CA LEU A 107 -28.00 11.93 -11.17
C LEU A 107 -26.90 10.89 -10.89
N GLU A 108 -25.75 11.35 -10.41
CA GLU A 108 -24.65 10.46 -10.04
C GLU A 108 -25.04 9.69 -8.78
N ARG A 109 -25.54 10.39 -7.75
CA ARG A 109 -25.96 9.70 -6.52
C ARG A 109 -27.02 8.60 -6.76
N LYS A 110 -28.03 8.87 -7.60
CA LYS A 110 -28.99 7.80 -8.00
C LYS A 110 -28.26 6.66 -8.73
N GLY A 111 -27.47 7.01 -9.76
CA GLY A 111 -26.76 6.03 -10.58
C GLY A 111 -25.82 5.12 -9.81
N LEU A 112 -25.04 5.73 -8.92
CA LEU A 112 -24.02 5.02 -8.15
C LEU A 112 -24.56 4.08 -7.06
N LEU A 113 -25.69 4.46 -6.45
CA LEU A 113 -26.30 3.61 -5.45
C LEU A 113 -26.88 2.40 -6.15
N ILE A 114 -27.57 2.65 -7.25
CA ILE A 114 -28.12 1.59 -8.07
C ILE A 114 -27.04 0.63 -8.64
N ALA A 115 -25.99 1.24 -9.21
CA ALA A 115 -24.85 0.50 -9.77
C ALA A 115 -24.19 -0.42 -8.73
N CYS A 116 -23.85 0.11 -7.56
CA CYS A 116 -23.41 -0.72 -6.41
C CYS A 116 -24.31 -1.88 -6.08
N LEU A 117 -25.64 -1.66 -6.08
CA LEU A 117 -26.56 -2.74 -5.80
C LEU A 117 -26.43 -3.78 -6.88
N CYS A 118 -26.17 -3.34 -8.11
CA CYS A 118 -26.24 -4.24 -9.27
C CYS A 118 -24.91 -4.76 -9.74
N HIS A 119 -23.83 -4.31 -9.12
CA HIS A 119 -22.47 -4.46 -9.68
C HIS A 119 -21.93 -5.87 -9.88
N ASP A 120 -22.41 -6.82 -9.07
CA ASP A 120 -22.08 -8.24 -9.22
C ASP A 120 -23.30 -9.11 -9.54
N LEU A 121 -24.28 -8.59 -10.28
CA LEU A 121 -25.47 -9.38 -10.57
C LEU A 121 -25.19 -10.71 -11.25
N ASP A 122 -25.71 -11.79 -10.66
CA ASP A 122 -25.69 -13.13 -11.32
C ASP A 122 -24.24 -13.63 -11.35
N HIS A 123 -23.47 -13.22 -10.38
CA HIS A 123 -22.15 -13.80 -10.21
C HIS A 123 -22.27 -15.31 -9.93
N ARG A 124 -21.51 -16.11 -10.66
CA ARG A 124 -21.43 -17.57 -10.45
C ARG A 124 -20.35 -18.06 -9.48
N GLY A 125 -19.62 -17.15 -8.86
CA GLY A 125 -18.49 -17.53 -8.03
C GLY A 125 -17.28 -17.99 -8.82
N PHE A 126 -17.15 -17.49 -10.05
CA PHE A 126 -15.98 -17.81 -10.87
C PHE A 126 -15.28 -16.52 -11.30
N SER A 127 -13.95 -16.52 -11.25
CA SER A 127 -13.13 -15.37 -11.64
C SER A 127 -13.23 -15.13 -13.13
N ASN A 128 -12.88 -13.92 -13.59
CA ASN A 128 -12.83 -13.64 -15.05
C ASN A 128 -11.83 -14.53 -15.73
N SER A 129 -10.75 -14.83 -15.01
CA SER A 129 -9.68 -15.70 -15.48
C SER A 129 -10.20 -17.07 -15.81
N TYR A 130 -11.11 -17.56 -14.98
CA TYR A 130 -11.54 -18.94 -15.10
C TYR A 130 -12.46 -19.09 -16.29
N LEU A 131 -13.42 -18.18 -16.43
CA LEU A 131 -14.31 -18.15 -17.61
C LEU A 131 -13.57 -18.05 -18.93
N GLN A 132 -12.49 -17.27 -18.99
CA GLN A 132 -11.71 -17.11 -20.22
C GLN A 132 -10.72 -18.23 -20.38
N LYS A 133 -9.77 -18.27 -19.44
CA LYS A 133 -8.67 -19.25 -19.41
C LYS A 133 -9.17 -20.67 -19.56
N PHE A 134 -10.46 -20.89 -19.32
CA PHE A 134 -11.13 -22.12 -19.80
C PHE A 134 -12.61 -22.38 -19.81
N ASP A 135 -13.38 -22.17 -20.87
CA ASP A 135 -13.34 -21.34 -22.03
C ASP A 135 -14.88 -21.27 -22.08
N HIS A 136 -15.47 -20.48 -21.18
CA HIS A 136 -16.92 -20.43 -20.91
C HIS A 136 -17.60 -19.60 -21.97
N PRO A 137 -18.93 -19.82 -22.22
CA PRO A 137 -19.66 -19.02 -23.21
C PRO A 137 -19.64 -17.50 -23.05
N LEU A 138 -19.48 -17.01 -21.82
CA LEU A 138 -19.44 -15.57 -21.57
C LEU A 138 -18.10 -14.90 -21.90
N ALA A 139 -17.02 -15.69 -21.91
CA ALA A 139 -15.69 -15.22 -22.29
C ALA A 139 -15.51 -15.23 -23.80
N ALA A 140 -16.44 -15.92 -24.46
CA ALA A 140 -16.50 -15.93 -25.90
C ALA A 140 -17.32 -14.73 -26.36
N LEU A 141 -18.13 -14.21 -25.43
CA LEU A 141 -18.99 -13.04 -25.66
C LEU A 141 -18.39 -11.67 -25.28
N TYR A 142 -17.73 -11.59 -24.13
CA TYR A 142 -16.92 -10.42 -23.79
C TYR A 142 -15.54 -10.93 -23.44
N SER A 143 -14.49 -10.31 -23.99
CA SER A 143 -13.14 -10.86 -23.79
C SER A 143 -12.22 -10.03 -22.91
N THR A 144 -12.71 -8.88 -22.45
CA THR A 144 -12.09 -8.20 -21.33
C THR A 144 -13.21 -7.89 -20.35
N SER A 145 -12.91 -7.96 -19.06
CA SER A 145 -13.89 -7.57 -18.04
C SER A 145 -15.17 -8.39 -18.16
N THR A 146 -15.03 -9.67 -18.50
CA THR A 146 -16.17 -10.52 -18.77
C THR A 146 -17.35 -10.31 -17.82
N MET A 147 -17.19 -10.75 -16.57
CA MET A 147 -18.27 -10.66 -15.57
C MET A 147 -18.89 -9.27 -15.45
N GLU A 148 -18.08 -8.24 -15.54
CA GLU A 148 -18.58 -6.88 -15.35
C GLU A 148 -19.48 -6.40 -16.49
N GLN A 149 -19.19 -6.82 -17.71
CA GLN A 149 -20.09 -6.49 -18.84
C GLN A 149 -21.41 -7.24 -18.71
N HIS A 150 -21.30 -8.50 -18.31
CA HIS A 150 -22.44 -9.29 -17.94
C HIS A 150 -23.28 -8.61 -16.87
N HIS A 151 -22.64 -8.13 -15.77
CA HIS A 151 -23.39 -7.53 -14.65
C HIS A 151 -24.16 -6.33 -15.12
N PHE A 152 -23.56 -5.51 -15.98
CA PHE A 152 -24.25 -4.32 -16.49
C PHE A 152 -25.42 -4.70 -17.36
N SER A 153 -25.17 -5.69 -18.24
CA SER A 153 -26.21 -6.19 -19.11
C SER A 153 -27.40 -6.75 -18.29
N GLN A 154 -27.12 -7.38 -17.15
CA GLN A 154 -28.19 -7.87 -16.26
C GLN A 154 -28.99 -6.68 -15.68
N THR A 155 -28.27 -5.67 -15.26
CA THR A 155 -28.87 -4.47 -14.70
C THR A 155 -29.89 -3.91 -15.70
N VAL A 156 -29.45 -3.73 -16.96
CA VAL A 156 -30.29 -3.25 -18.07
C VAL A 156 -31.48 -4.18 -18.35
N SER A 157 -31.24 -5.48 -18.34
CA SER A 157 -32.36 -6.38 -18.46
C SER A 157 -33.39 -6.25 -17.34
N ILE A 158 -32.96 -5.88 -16.13
CA ILE A 158 -33.94 -5.76 -15.03
C ILE A 158 -34.69 -4.45 -15.19
N LEU A 159 -33.97 -3.39 -15.57
CA LEU A 159 -34.62 -2.13 -15.88
C LEU A 159 -35.73 -2.30 -16.94
N GLN A 160 -35.48 -3.13 -17.94
CA GLN A 160 -36.36 -3.28 -19.09
C GLN A 160 -37.59 -4.15 -18.85
N LEU A 161 -37.72 -4.68 -17.63
CA LEU A 161 -38.86 -5.47 -17.25
C LEU A 161 -40.02 -4.60 -16.86
N GLU A 162 -41.21 -5.10 -17.23
CA GLU A 162 -42.52 -4.56 -16.91
C GLU A 162 -42.58 -4.00 -15.47
N GLY A 163 -42.82 -2.69 -15.37
CA GLY A 163 -42.99 -2.04 -14.07
C GLY A 163 -41.74 -1.80 -13.24
N HIS A 164 -40.56 -2.07 -13.80
CA HIS A 164 -39.33 -1.97 -13.02
C HIS A 164 -38.56 -0.71 -13.27
N ASN A 165 -38.77 -0.06 -14.41
CA ASN A 165 -37.92 1.05 -14.81
C ASN A 165 -38.05 2.31 -13.95
N ILE A 166 -37.33 2.27 -12.84
CA ILE A 166 -37.20 3.37 -11.91
C ILE A 166 -36.66 4.67 -12.53
N PHE A 167 -36.11 4.61 -13.75
CA PHE A 167 -35.55 5.79 -14.42
C PHE A 167 -36.49 6.40 -15.46
N SER A 168 -37.65 5.74 -15.65
CA SER A 168 -38.67 6.11 -16.64
C SER A 168 -39.08 7.57 -16.65
N THR A 169 -39.06 8.22 -15.49
CA THR A 169 -39.46 9.63 -15.40
C THR A 169 -38.30 10.63 -15.61
N LEU A 170 -37.19 10.15 -16.15
CA LEU A 170 -36.12 11.06 -16.56
C LEU A 170 -36.28 11.37 -18.05
N SER A 171 -35.78 12.54 -18.47
CA SER A 171 -35.66 12.85 -19.91
C SER A 171 -34.76 11.81 -20.54
N SER A 172 -34.80 11.66 -21.86
CA SER A 172 -34.03 10.59 -22.52
C SER A 172 -32.53 10.94 -22.57
N SER A 173 -32.24 12.22 -22.36
CA SER A 173 -30.89 12.71 -22.23
C SER A 173 -30.36 12.30 -20.85
N GLU A 174 -31.14 12.62 -19.80
CA GLU A 174 -30.87 12.18 -18.44
C GLU A 174 -30.87 10.63 -18.25
N TYR A 175 -31.78 9.95 -18.96
CA TYR A 175 -31.87 8.49 -18.92
C TYR A 175 -30.64 7.83 -19.49
N GLU A 176 -30.22 8.36 -20.64
CA GLU A 176 -29.05 7.90 -21.37
C GLU A 176 -27.72 8.41 -20.78
N GLN A 177 -27.77 8.82 -19.46
CA GLN A 177 -26.62 9.56 -18.99
C GLN A 177 -26.31 8.81 -17.76
N VAL A 178 -27.40 8.50 -17.03
CA VAL A 178 -27.32 7.69 -15.84
C VAL A 178 -26.95 6.26 -16.20
N LEU A 179 -27.51 5.73 -17.29
CA LEU A 179 -27.13 4.39 -17.74
C LEU A 179 -25.64 4.31 -18.03
N GLU A 180 -25.11 5.41 -18.53
CA GLU A 180 -23.70 5.53 -18.86
C GLU A 180 -22.85 5.70 -17.58
N ILE A 181 -23.31 6.52 -16.64
CA ILE A 181 -22.76 6.52 -15.27
C ILE A 181 -22.74 5.05 -14.72
N ILE A 182 -23.87 4.37 -14.74
CA ILE A 182 -23.97 2.98 -14.23
C ILE A 182 -23.00 2.00 -14.93
N ARG A 183 -22.98 2.00 -16.26
CA ARG A 183 -22.02 1.19 -17.02
C ARG A 183 -20.57 1.38 -16.58
N LYS A 184 -20.08 2.61 -16.58
CA LYS A 184 -18.69 2.90 -16.21
C LYS A 184 -18.45 2.44 -14.78
N ALA A 185 -19.43 2.71 -13.92
CA ALA A 185 -19.36 2.32 -12.53
C ALA A 185 -19.15 0.79 -12.32
N ILE A 186 -19.90 -0.01 -13.05
CA ILE A 186 -19.83 -1.47 -12.94
C ILE A 186 -18.55 -2.07 -13.59
N ILE A 187 -18.17 -1.55 -14.76
CA ILE A 187 -16.90 -1.91 -15.41
C ILE A 187 -15.70 -1.51 -14.55
N ALA A 188 -15.84 -0.44 -13.79
CA ALA A 188 -14.73 -0.03 -12.96
C ALA A 188 -14.47 -1.04 -11.82
N THR A 189 -15.43 -1.92 -11.54
CA THR A 189 -15.25 -2.86 -10.43
C THR A 189 -14.36 -4.03 -10.81
N ASP A 190 -13.93 -4.07 -12.07
CA ASP A 190 -13.01 -5.10 -12.51
C ASP A 190 -11.69 -4.70 -11.95
N LEU A 191 -11.18 -5.48 -10.99
CA LEU A 191 -9.97 -5.09 -10.25
C LEU A 191 -8.76 -4.87 -11.19
N ALA A 192 -8.67 -5.67 -12.24
CA ALA A 192 -7.64 -5.49 -13.25
C ALA A 192 -7.52 -4.05 -13.82
N LEU A 193 -8.64 -3.32 -13.89
CA LEU A 193 -8.65 -1.91 -14.33
C LEU A 193 -8.19 -0.94 -13.26
N TYR A 194 -8.45 -1.28 -12.01
CA TYR A 194 -8.10 -0.45 -10.88
C TYR A 194 -6.66 0.03 -10.83
N PHE A 195 -5.69 -0.80 -11.20
CA PHE A 195 -4.27 -0.41 -11.02
C PHE A 195 -3.86 0.76 -11.91
N GLY A 196 -4.12 0.63 -13.20
CA GLY A 196 -3.97 1.73 -14.12
C GLY A 196 -4.73 2.95 -13.68
N ASN A 197 -5.99 2.78 -13.26
CA ASN A 197 -6.81 3.91 -12.83
C ASN A 197 -6.20 4.64 -11.61
N ARG A 198 -5.87 3.90 -10.54
CA ARG A 198 -5.29 4.47 -9.31
C ARG A 198 -3.98 5.25 -9.59
N LYS A 199 -3.21 4.77 -10.56
CA LYS A 199 -1.91 5.33 -10.96
C LYS A 199 -2.08 6.70 -11.60
N GLN A 200 -2.90 6.76 -12.66
CA GLN A 200 -3.35 8.02 -13.24
C GLN A 200 -3.74 9.04 -12.17
N LEU A 201 -4.78 8.70 -11.40
CA LEU A 201 -5.25 9.57 -10.33
C LEU A 201 -4.14 10.08 -9.41
N GLU A 202 -3.31 9.16 -8.90
CA GLU A 202 -2.15 9.46 -8.07
C GLU A 202 -1.33 10.61 -8.65
N GLU A 203 -0.95 10.43 -9.92
CA GLU A 203 -0.24 11.42 -10.72
C GLU A 203 -1.02 12.75 -10.77
N MET A 204 -2.20 12.74 -11.40
CA MET A 204 -3.05 13.93 -11.50
C MET A 204 -3.21 14.71 -10.20
N TYR A 205 -3.13 14.01 -9.06
CA TYR A 205 -3.34 14.66 -7.78
C TYR A 205 -2.04 15.31 -7.47
N GLN A 206 -0.97 14.55 -7.68
CA GLN A 206 0.38 15.03 -7.42
C GLN A 206 0.77 16.30 -8.17
N THR A 207 0.64 16.28 -9.49
CA THR A 207 0.86 17.47 -10.27
C THR A 207 -0.17 18.58 -9.99
N GLY A 208 -1.27 18.25 -9.31
CA GLY A 208 -2.33 19.25 -9.03
C GLY A 208 -3.16 19.57 -10.27
N SER A 209 -3.32 18.58 -11.13
CA SER A 209 -3.97 18.72 -12.43
C SER A 209 -5.34 18.02 -12.51
N LEU A 210 -5.72 17.39 -11.40
CA LEU A 210 -7.01 16.73 -11.24
C LEU A 210 -8.10 17.78 -11.16
N ASN A 211 -9.16 17.57 -11.95
CA ASN A 211 -10.22 18.56 -12.10
C ASN A 211 -11.59 17.89 -12.23
N LEU A 212 -12.37 17.94 -11.15
CA LEU A 212 -13.69 17.34 -11.16
C LEU A 212 -14.69 17.95 -12.18
N ASN A 213 -14.36 19.09 -12.80
CA ASN A 213 -15.19 19.60 -13.93
C ASN A 213 -14.85 18.92 -15.25
N ASN A 214 -13.79 18.14 -15.27
CA ASN A 214 -13.41 17.42 -16.48
C ASN A 214 -13.99 16.02 -16.32
N GLN A 215 -14.94 15.67 -17.18
CA GLN A 215 -15.73 14.43 -17.13
C GLN A 215 -14.90 13.15 -17.06
N SER A 216 -13.77 13.14 -17.77
CA SER A 216 -12.85 12.00 -17.79
C SER A 216 -12.13 11.85 -16.44
N HIS A 217 -11.87 12.99 -15.78
CA HIS A 217 -11.40 12.98 -14.37
C HIS A 217 -12.46 12.47 -13.42
N ARG A 218 -13.67 12.95 -13.63
CA ARG A 218 -14.80 12.54 -12.84
C ARG A 218 -14.93 11.03 -12.86
N ASP A 219 -15.09 10.49 -14.07
CA ASP A 219 -15.16 9.05 -14.28
C ASP A 219 -14.08 8.30 -13.51
N ARG A 220 -12.84 8.76 -13.62
CA ARG A 220 -11.77 8.15 -12.85
C ARG A 220 -12.05 8.16 -11.32
N VAL A 221 -12.50 9.29 -10.78
CA VAL A 221 -12.72 9.32 -9.33
C VAL A 221 -13.79 8.32 -8.91
N ILE A 222 -14.85 8.23 -9.70
CA ILE A 222 -16.00 7.37 -9.46
C ILE A 222 -15.50 5.93 -9.41
N GLY A 223 -14.79 5.54 -10.47
CA GLY A 223 -14.07 4.27 -10.54
C GLY A 223 -13.35 3.89 -9.26
N LEU A 224 -12.55 4.82 -8.75
CA LEU A 224 -11.85 4.58 -7.52
C LEU A 224 -12.83 4.36 -6.39
N MET A 225 -13.88 5.18 -6.38
CA MET A 225 -14.92 5.03 -5.36
C MET A 225 -15.50 3.64 -5.45
N MET A 226 -15.76 3.19 -6.68
CA MET A 226 -16.32 1.87 -6.89
C MET A 226 -15.43 0.78 -6.30
N THR A 227 -14.12 0.86 -6.55
CA THR A 227 -13.19 -0.08 -5.98
C THR A 227 -13.18 0.01 -4.48
N ALA A 228 -13.20 1.24 -3.97
CA ALA A 228 -13.10 1.39 -2.54
C ALA A 228 -14.36 0.80 -1.89
N CYS A 229 -15.51 0.90 -2.57
CA CYS A 229 -16.73 0.26 -2.01
C CYS A 229 -16.67 -1.23 -2.21
N ASP A 230 -16.21 -1.66 -3.39
CA ASP A 230 -16.13 -3.09 -3.64
C ASP A 230 -15.36 -3.88 -2.55
N LEU A 231 -14.37 -3.25 -1.93
CA LEU A 231 -13.43 -3.94 -1.05
C LEU A 231 -13.68 -3.63 0.38
N CYS A 232 -14.83 -3.03 0.68
CA CYS A 232 -14.93 -2.37 1.97
C CYS A 232 -14.98 -3.35 3.11
N SER A 233 -15.12 -4.61 2.79
CA SER A 233 -15.05 -5.68 3.78
C SER A 233 -13.84 -5.48 4.63
N VAL A 234 -12.77 -4.96 4.02
CA VAL A 234 -11.51 -4.79 4.75
C VAL A 234 -11.51 -3.55 5.63
N THR A 235 -12.65 -2.89 5.78
CA THR A 235 -12.66 -1.61 6.51
C THR A 235 -13.62 -1.78 7.64
N LYS A 236 -14.10 -3.00 7.83
CA LYS A 236 -14.98 -3.28 8.95
C LYS A 236 -14.12 -3.51 10.15
N LEU A 237 -14.74 -3.84 11.26
CA LEU A 237 -14.03 -4.15 12.47
C LEU A 237 -13.55 -5.58 12.37
N TRP A 238 -12.37 -5.81 12.94
CA TRP A 238 -11.70 -7.10 12.83
C TRP A 238 -12.56 -8.36 12.76
N PRO A 239 -13.41 -8.65 13.79
CA PRO A 239 -14.28 -9.84 13.77
C PRO A 239 -15.08 -10.03 12.46
N VAL A 240 -15.70 -8.96 12.01
CA VAL A 240 -16.40 -8.95 10.74
C VAL A 240 -15.47 -9.23 9.57
N THR A 241 -14.37 -8.49 9.51
CA THR A 241 -13.38 -8.64 8.44
C THR A 241 -12.90 -10.12 8.34
N LYS A 242 -12.39 -10.64 9.46
CA LYS A 242 -12.01 -12.04 9.61
C LYS A 242 -13.06 -12.99 9.05
N LEU A 243 -14.31 -12.81 9.48
CA LEU A 243 -15.44 -13.64 8.98
C LEU A 243 -15.64 -13.60 7.47
N THR A 244 -15.47 -12.41 6.90
CA THR A 244 -15.75 -12.19 5.50
C THR A 244 -14.66 -12.79 4.68
N ALA A 245 -13.44 -12.70 5.17
CA ALA A 245 -12.31 -13.41 4.55
C ALA A 245 -12.67 -14.88 4.34
N ASN A 246 -13.27 -15.52 5.34
CA ASN A 246 -13.76 -16.90 5.15
C ASN A 246 -14.67 -17.05 3.97
N ASP A 247 -15.53 -16.06 3.75
CA ASP A 247 -16.52 -16.19 2.68
C ASP A 247 -15.86 -16.08 1.32
N ILE A 248 -14.97 -15.09 1.17
CA ILE A 248 -14.24 -14.91 -0.11
C ILE A 248 -13.34 -16.11 -0.43
N TYR A 249 -12.64 -16.66 0.60
CA TYR A 249 -11.86 -17.88 0.43
C TYR A 249 -12.67 -19.10 0.12
N ALA A 250 -13.86 -19.21 0.68
CA ALA A 250 -14.73 -20.34 0.38
C ALA A 250 -15.01 -20.36 -1.13
N GLU A 251 -15.24 -19.18 -1.69
CA GLU A 251 -15.48 -19.08 -3.14
C GLU A 251 -14.27 -19.41 -4.00
N PHE A 252 -13.10 -18.90 -3.60
CA PHE A 252 -11.84 -19.15 -4.29
C PHE A 252 -11.55 -20.61 -4.40
N TRP A 253 -11.58 -21.26 -3.22
CA TRP A 253 -11.25 -22.65 -3.05
C TRP A 253 -12.18 -23.55 -3.79
N ALA A 254 -13.45 -23.15 -3.90
CA ALA A 254 -14.37 -23.94 -4.70
C ALA A 254 -13.96 -23.90 -6.18
N GLU A 255 -13.45 -22.76 -6.63
CA GLU A 255 -13.05 -22.60 -8.03
C GLU A 255 -11.71 -23.33 -8.28
N GLY A 256 -10.89 -23.34 -7.25
CA GLY A 256 -9.69 -24.18 -7.19
C GLY A 256 -10.01 -25.67 -7.23
N ASP A 257 -11.00 -26.11 -6.44
CA ASP A 257 -11.50 -27.49 -6.48
C ASP A 257 -11.91 -27.89 -7.91
N GLU A 258 -12.61 -26.99 -8.61
CA GLU A 258 -13.02 -27.24 -10.01
C GLU A 258 -11.86 -27.37 -10.98
N MET A 259 -10.82 -26.57 -10.76
CA MET A 259 -9.58 -26.72 -11.53
C MET A 259 -8.97 -28.09 -11.29
N LYS A 260 -8.68 -28.40 -10.02
CA LYS A 260 -8.09 -29.68 -9.63
C LYS A 260 -8.79 -30.87 -10.31
N LYS A 261 -10.12 -30.81 -10.39
CA LYS A 261 -10.94 -31.76 -11.14
C LYS A 261 -10.67 -31.91 -12.65
N LEU A 262 -9.93 -30.98 -13.25
CA LEU A 262 -9.34 -31.20 -14.57
C LEU A 262 -7.81 -31.26 -14.51
N GLY A 263 -7.22 -32.05 -13.61
CA GLY A 263 -5.75 -32.05 -13.41
C GLY A 263 -5.00 -30.72 -13.71
N ILE A 264 -5.60 -29.59 -13.29
CA ILE A 264 -4.94 -28.27 -13.38
C ILE A 264 -4.75 -27.74 -11.97
N GLN A 265 -3.50 -27.53 -11.57
CA GLN A 265 -3.19 -26.96 -10.27
C GLN A 265 -3.64 -25.51 -10.31
N PRO A 266 -4.52 -25.13 -9.37
CA PRO A 266 -4.85 -23.71 -9.16
C PRO A 266 -3.67 -22.93 -8.56
N ILE A 267 -3.56 -21.64 -8.86
CA ILE A 267 -2.69 -20.75 -8.08
C ILE A 267 -2.97 -20.96 -6.58
N PRO A 268 -1.99 -20.64 -5.71
CA PRO A 268 -2.20 -20.91 -4.27
C PRO A 268 -3.41 -20.20 -3.67
N MET A 269 -3.74 -19.01 -4.16
CA MET A 269 -4.89 -18.28 -3.61
C MET A 269 -6.17 -19.11 -3.60
N MET A 270 -6.26 -20.05 -4.55
CA MET A 270 -7.48 -20.82 -4.78
C MET A 270 -7.40 -22.25 -4.31
N ASP A 271 -6.38 -22.53 -3.54
CA ASP A 271 -6.03 -23.90 -3.20
C ASP A 271 -6.21 -24.12 -1.71
N ARG A 272 -7.31 -24.74 -1.33
CA ARG A 272 -7.58 -24.96 0.07
C ARG A 272 -6.49 -25.75 0.82
N ASP A 273 -5.62 -26.47 0.10
CA ASP A 273 -4.48 -27.12 0.74
C ASP A 273 -3.40 -26.10 1.07
N LYS A 274 -3.63 -24.84 0.69
CA LYS A 274 -2.66 -23.79 0.97
C LYS A 274 -3.16 -22.72 1.97
N LYS A 275 -4.13 -23.12 2.79
CA LYS A 275 -4.76 -22.33 3.84
C LYS A 275 -3.85 -21.56 4.74
N ASP A 276 -2.75 -22.17 5.16
CA ASP A 276 -1.95 -21.40 6.09
C ASP A 276 -1.18 -20.19 5.50
N GLU A 277 -1.18 -20.08 4.16
CA GLU A 277 -0.56 -18.94 3.46
C GLU A 277 -1.56 -17.73 3.42
N VAL A 278 -2.77 -17.93 3.94
CA VAL A 278 -3.84 -16.94 3.87
C VAL A 278 -3.52 -15.61 4.62
N PRO A 279 -3.01 -15.70 5.87
CA PRO A 279 -2.65 -14.44 6.51
C PRO A 279 -1.63 -13.65 5.69
N GLN A 280 -0.59 -14.33 5.25
CA GLN A 280 0.40 -13.74 4.37
C GLN A 280 -0.25 -13.09 3.13
N GLY A 281 -1.20 -13.79 2.53
CA GLY A 281 -1.82 -13.35 1.27
C GLY A 281 -2.64 -12.13 1.51
N GLN A 282 -3.42 -12.14 2.59
CA GLN A 282 -4.11 -10.95 3.04
C GLN A 282 -3.16 -9.75 3.28
N LEU A 283 -2.02 -9.98 3.92
CA LEU A 283 -1.06 -8.91 4.13
C LEU A 283 -0.67 -8.34 2.79
N GLY A 284 -0.40 -9.24 1.84
CA GLY A 284 0.05 -8.83 0.54
C GLY A 284 -0.93 -7.89 -0.13
N PHE A 285 -2.20 -8.34 -0.15
CA PHE A 285 -3.32 -7.69 -0.74
C PHE A 285 -3.58 -6.31 -0.13
N TYR A 286 -3.59 -6.24 1.19
CA TYR A 286 -3.68 -4.93 1.85
C TYR A 286 -2.58 -4.01 1.37
N ASN A 287 -1.35 -4.52 1.31
CA ASN A 287 -0.21 -3.69 0.96
C ASN A 287 -0.14 -3.31 -0.53
N ALA A 288 -0.55 -4.21 -1.43
CA ALA A 288 -0.42 -3.96 -2.86
C ALA A 288 -1.69 -3.33 -3.45
N VAL A 289 -2.85 -3.65 -2.83
CA VAL A 289 -4.14 -3.26 -3.39
C VAL A 289 -4.99 -2.32 -2.49
N ALA A 290 -5.32 -2.77 -1.27
CA ALA A 290 -6.25 -2.00 -0.43
C ALA A 290 -5.66 -0.69 0.10
N ILE A 291 -4.53 -0.75 0.82
CA ILE A 291 -3.92 0.47 1.30
C ILE A 291 -3.78 1.53 0.18
N PRO A 292 -3.25 1.16 -0.98
CA PRO A 292 -3.16 2.18 -1.98
C PRO A 292 -4.49 2.78 -2.44
N CYS A 293 -5.50 1.93 -2.59
CA CYS A 293 -6.85 2.34 -2.84
C CYS A 293 -7.30 3.40 -1.83
N TYR A 294 -7.38 3.02 -0.56
CA TYR A 294 -7.93 3.93 0.44
C TYR A 294 -7.10 5.18 0.65
N THR A 295 -5.77 5.05 0.49
CA THR A 295 -4.84 6.18 0.52
C THR A 295 -5.11 7.25 -0.52
N THR A 296 -5.11 6.88 -1.79
CA THR A 296 -5.52 7.75 -2.86
C THR A 296 -6.98 8.24 -2.73
N LEU A 297 -7.94 7.36 -2.44
CA LEU A 297 -9.32 7.84 -2.18
C LEU A 297 -9.37 8.98 -1.14
N THR A 298 -8.66 8.78 -0.01
CA THR A 298 -8.59 9.82 1.01
C THR A 298 -7.98 11.10 0.42
N GLN A 299 -6.97 11.00 -0.42
CA GLN A 299 -6.35 12.21 -0.91
C GLN A 299 -7.32 13.07 -1.71
N ILE A 300 -7.98 12.47 -2.68
CA ILE A 300 -9.03 13.08 -3.46
C ILE A 300 -10.29 13.49 -2.68
N LEU A 301 -10.72 12.65 -1.72
CA LEU A 301 -11.92 12.93 -0.94
C LEU A 301 -11.59 12.77 0.52
N PRO A 302 -10.97 13.79 1.15
CA PRO A 302 -10.56 13.71 2.58
C PRO A 302 -11.60 13.15 3.59
N PRO A 303 -12.93 13.45 3.43
CA PRO A 303 -13.91 12.88 4.37
C PRO A 303 -13.93 11.34 4.48
N THR A 304 -13.29 10.65 3.53
CA THR A 304 -13.30 9.18 3.43
C THR A 304 -12.17 8.55 4.23
N GLU A 305 -11.40 9.41 4.89
CA GLU A 305 -10.35 8.96 5.76
C GLU A 305 -10.67 7.73 6.67
N PRO A 306 -11.87 7.66 7.32
CA PRO A 306 -12.12 6.51 8.24
C PRO A 306 -11.98 5.12 7.58
N LEU A 307 -12.25 5.03 6.28
CA LEU A 307 -11.99 3.83 5.48
C LEU A 307 -10.52 3.43 5.53
N LEU A 308 -9.65 4.39 5.24
CA LEU A 308 -8.21 4.21 5.32
C LEU A 308 -7.77 3.86 6.73
N LYS A 309 -8.40 4.54 7.69
CA LYS A 309 -8.06 4.33 9.07
C LYS A 309 -8.35 2.86 9.50
N ALA A 310 -9.54 2.31 9.16
CA ALA A 310 -9.91 0.93 9.52
C ALA A 310 -9.11 -0.16 8.77
N CYS A 311 -8.82 0.11 7.51
CA CYS A 311 -7.98 -0.77 6.70
C CYS A 311 -6.60 -0.93 7.34
N ARG A 312 -6.01 0.19 7.74
CA ARG A 312 -4.80 0.16 8.58
C ARG A 312 -4.92 -0.72 9.82
N ASP A 313 -6.04 -0.67 10.51
CA ASP A 313 -6.26 -1.52 11.69
C ASP A 313 -6.37 -3.00 11.36
N ASN A 314 -7.06 -3.33 10.28
CA ASN A 314 -7.13 -4.73 9.88
C ASN A 314 -5.76 -5.23 9.47
N LEU A 315 -5.05 -4.38 8.70
CA LEU A 315 -3.68 -4.71 8.30
C LEU A 315 -2.90 -5.14 9.51
N SER A 316 -2.89 -4.32 10.57
CA SER A 316 -2.06 -4.65 11.72
C SER A 316 -2.56 -5.90 12.42
N GLN A 317 -3.87 -6.17 12.33
CA GLN A 317 -4.40 -7.46 12.78
C GLN A 317 -3.82 -8.68 12.05
N TRP A 318 -3.63 -8.57 10.75
CA TRP A 318 -3.06 -9.62 9.97
C TRP A 318 -1.59 -9.78 10.27
N GLU A 319 -0.86 -8.68 10.45
CA GLU A 319 0.57 -8.76 10.89
C GLU A 319 0.65 -9.60 12.16
N LYS A 320 -0.33 -9.38 13.03
CA LYS A 320 -0.33 -10.04 14.30
C LYS A 320 -0.63 -11.54 14.14
N VAL A 321 -1.49 -11.90 13.18
CA VAL A 321 -1.81 -13.34 12.96
C VAL A 321 -0.56 -14.07 12.50
N ILE A 322 0.11 -13.45 11.53
CA ILE A 322 1.40 -13.92 11.03
C ILE A 322 2.43 -14.15 12.16
N ARG A 323 2.67 -13.13 13.00
CA ARG A 323 3.74 -13.19 14.02
C ARG A 323 3.38 -14.12 15.18
N GLY A 324 2.23 -14.78 15.05
CA GLY A 324 1.80 -15.75 16.03
C GLY A 324 1.05 -15.22 17.23
N GLU A 325 0.29 -14.13 17.06
CA GLU A 325 -0.38 -13.55 18.23
C GLU A 325 -1.88 -13.21 18.12
N GLU A 326 -2.64 -14.05 17.39
CA GLU A 326 -4.14 -13.99 17.37
C GLU A 326 -4.92 -15.30 17.51
N HIS B 3 20.38 25.16 -6.54
CA HIS B 3 20.19 23.84 -7.22
C HIS B 3 19.63 22.78 -6.28
N MET B 4 19.42 23.17 -5.02
CA MET B 4 18.79 22.34 -3.99
C MET B 4 17.31 22.69 -3.93
N SER B 5 16.48 21.76 -3.46
CA SER B 5 15.04 22.02 -3.42
C SER B 5 14.50 22.26 -2.01
N ILE B 6 13.81 23.38 -1.83
CA ILE B 6 13.29 23.72 -0.51
C ILE B 6 11.85 23.34 -0.38
N CYS B 7 11.40 23.09 0.84
CA CYS B 7 9.97 22.87 1.07
C CYS B 7 9.24 24.20 1.13
N THR B 8 7.93 24.15 1.29
CA THR B 8 7.13 25.34 1.42
C THR B 8 6.68 25.43 2.86
N SER B 9 6.29 26.62 3.29
CA SER B 9 5.88 26.87 4.66
C SER B 9 4.79 25.91 5.08
N GLU B 10 3.85 25.67 4.16
CA GLU B 10 2.75 24.74 4.43
C GLU B 10 3.20 23.28 4.72
N GLU B 11 4.09 22.74 3.87
CA GLU B 11 4.69 21.43 4.14
C GLU B 11 5.25 21.39 5.60
N TRP B 12 6.16 22.31 5.95
CA TRP B 12 6.81 22.19 7.26
C TRP B 12 5.99 22.52 8.49
N GLN B 13 5.07 23.48 8.33
CA GLN B 13 4.16 23.79 9.43
C GLN B 13 3.18 22.64 9.71
N GLY B 14 2.55 22.09 8.65
CA GLY B 14 1.76 20.86 8.78
C GLY B 14 2.43 19.81 9.67
N LEU B 15 3.74 19.62 9.41
CA LEU B 15 4.56 18.61 10.10
C LEU B 15 4.55 18.87 11.59
N MET B 16 4.86 20.12 11.98
CA MET B 16 4.94 20.50 13.40
C MET B 16 3.69 20.09 14.17
N GLN B 17 2.57 20.11 13.46
CA GLN B 17 1.28 19.85 14.09
C GLN B 17 0.99 18.37 14.22
N PHE B 18 1.54 17.54 13.34
CA PHE B 18 1.31 16.09 13.39
C PHE B 18 1.58 15.43 14.78
N THR B 19 0.69 14.53 15.20
CA THR B 19 0.96 13.62 16.34
C THR B 19 0.76 12.14 15.97
N LEU B 20 1.46 11.25 16.67
CA LEU B 20 1.52 9.85 16.28
C LEU B 20 0.45 9.04 16.95
N PRO B 21 -0.44 8.39 16.16
CA PRO B 21 -1.48 7.61 16.79
C PRO B 21 -0.88 6.69 17.84
N VAL B 22 -1.44 6.80 19.04
CA VAL B 22 -1.11 5.97 20.18
C VAL B 22 -0.74 4.52 19.81
N ARG B 23 -1.52 3.89 18.93
CA ARG B 23 -1.36 2.49 18.53
C ARG B 23 0.04 2.19 17.95
N LEU B 24 0.54 3.11 17.12
CA LEU B 24 1.79 2.91 16.39
C LEU B 24 3.01 3.01 17.30
N CYS B 25 2.85 3.79 18.37
CA CYS B 25 3.92 3.96 19.34
C CYS B 25 4.56 2.67 19.75
N LYS B 26 3.76 1.69 20.13
CA LYS B 26 4.29 0.36 20.41
C LYS B 26 4.99 -0.20 19.20
N GLU B 27 4.28 -0.36 18.10
CA GLU B 27 4.78 -1.06 16.91
C GLU B 27 6.09 -0.49 16.36
N ILE B 28 6.31 0.81 16.50
CA ILE B 28 7.52 1.46 16.00
C ILE B 28 8.82 0.95 16.65
N GLU B 29 8.71 0.52 17.89
CA GLU B 29 9.85 0.01 18.62
C GLU B 29 10.31 -1.34 18.15
N LEU B 30 9.54 -2.04 17.33
CA LEU B 30 9.96 -3.35 16.91
C LEU B 30 10.80 -3.24 15.65
N PHE B 31 11.71 -4.19 15.55
CA PHE B 31 12.56 -4.31 14.41
C PHE B 31 11.83 -4.53 13.08
N HIS B 32 10.80 -5.36 13.08
CA HIS B 32 10.06 -5.67 11.86
C HIS B 32 8.94 -4.69 11.48
N PHE B 33 8.73 -3.62 12.27
CA PHE B 33 7.77 -2.58 11.89
C PHE B 33 7.88 -2.23 10.39
N ASP B 34 6.75 -2.21 9.69
CA ASP B 34 6.73 -1.79 8.31
C ASP B 34 6.00 -0.46 8.24
N ILE B 35 6.67 0.57 7.72
CA ILE B 35 6.11 1.92 7.60
C ILE B 35 5.26 2.10 6.35
N GLY B 36 5.24 1.06 5.49
CA GLY B 36 4.57 1.08 4.21
C GLY B 36 3.14 1.63 4.22
N PRO B 37 2.28 1.15 5.14
CA PRO B 37 0.86 1.55 5.15
C PRO B 37 0.56 3.00 5.57
N PHE B 38 1.60 3.78 5.89
CA PHE B 38 1.42 5.05 6.59
C PHE B 38 2.06 6.29 5.90
N GLU B 39 2.08 6.33 4.58
CA GLU B 39 2.80 7.40 3.84
C GLU B 39 2.74 8.75 4.50
N ASN B 40 1.53 9.23 4.71
CA ASN B 40 1.38 10.58 5.12
C ASN B 40 2.03 10.89 6.46
N MET B 41 2.19 9.85 7.28
CA MET B 41 2.87 9.96 8.56
C MET B 41 4.37 9.85 8.54
N TRP B 42 4.98 9.58 7.37
CA TRP B 42 6.42 9.25 7.37
C TRP B 42 7.23 10.37 8.00
N PRO B 43 7.05 11.63 7.54
CA PRO B 43 7.88 12.68 8.15
C PRO B 43 7.65 12.75 9.64
N GLY B 44 6.39 12.61 10.05
CA GLY B 44 6.04 12.75 11.43
C GLY B 44 6.60 11.60 12.25
N ILE B 45 6.71 10.43 11.64
CA ILE B 45 7.26 9.26 12.30
C ILE B 45 8.76 9.52 12.58
N PHE B 46 9.44 10.20 11.65
CA PHE B 46 10.86 10.48 11.85
C PHE B 46 11.09 11.47 13.01
N VAL B 47 10.40 12.63 12.95
CA VAL B 47 10.38 13.59 14.06
C VAL B 47 10.14 12.87 15.36
N TYR B 48 9.19 11.96 15.35
CA TYR B 48 8.92 11.24 16.58
C TYR B 48 10.13 10.40 17.01
N MET B 49 10.76 9.69 16.08
CA MET B 49 11.91 8.82 16.37
C MET B 49 13.08 9.63 16.85
N VAL B 50 13.24 10.79 16.24
CA VAL B 50 14.24 11.74 16.70
C VAL B 50 13.95 12.11 18.14
N HIS B 51 12.76 12.64 18.40
CA HIS B 51 12.42 13.07 19.77
C HIS B 51 12.63 11.92 20.74
N ARG B 52 12.22 10.72 20.41
CA ARG B 52 12.39 9.62 21.37
C ARG B 52 13.82 9.17 21.55
N SER B 53 14.67 9.39 20.54
CA SER B 53 16.09 8.97 20.64
C SER B 53 16.90 9.98 21.42
N CYS B 54 16.70 11.25 21.04
CA CYS B 54 17.53 12.36 21.50
C CYS B 54 16.84 13.41 22.41
N GLY B 55 15.56 13.21 22.74
CA GLY B 55 14.80 14.20 23.52
C GLY B 55 14.16 15.32 22.70
N THR B 56 13.10 15.89 23.26
CA THR B 56 12.18 16.82 22.57
C THR B 56 12.77 18.20 22.19
N SER B 57 13.90 18.50 22.81
CA SER B 57 14.51 19.79 22.68
C SER B 57 15.97 19.65 22.20
N CYS B 58 16.22 18.54 21.51
CA CYS B 58 17.49 18.22 20.89
C CYS B 58 17.73 19.03 19.62
N PHE B 59 16.65 19.40 18.96
CA PHE B 59 16.71 20.32 17.84
C PHE B 59 15.61 21.35 18.01
N GLU B 60 15.78 22.52 17.40
CA GLU B 60 14.68 23.49 17.32
C GLU B 60 13.64 22.97 16.32
N LEU B 61 12.46 22.63 16.86
CA LEU B 61 11.35 22.04 16.11
C LEU B 61 11.11 22.67 14.74
N GLU B 62 11.20 23.99 14.65
CA GLU B 62 10.99 24.67 13.38
C GLU B 62 12.04 24.28 12.33
N LYS B 63 13.32 24.42 12.68
CA LYS B 63 14.42 24.03 11.79
C LYS B 63 14.41 22.53 11.41
N LEU B 64 14.19 21.66 12.40
CA LEU B 64 14.05 20.24 12.13
C LEU B 64 12.98 19.91 11.09
N CYS B 65 11.77 20.44 11.27
CA CYS B 65 10.66 20.16 10.35
C CYS B 65 10.95 20.68 8.95
N ARG B 66 11.67 21.79 8.89
CA ARG B 66 12.12 22.26 7.61
C ARG B 66 13.11 21.34 6.94
N PHE B 67 14.10 20.87 7.70
CA PHE B 67 15.12 19.97 7.18
C PHE B 67 14.38 18.76 6.62
N ILE B 68 13.52 18.19 7.46
CA ILE B 68 12.88 16.95 7.05
C ILE B 68 12.15 17.07 5.71
N MET B 69 11.31 18.08 5.58
CA MET B 69 10.51 18.22 4.39
C MET B 69 11.33 18.63 3.15
N SER B 70 12.51 19.21 3.37
CA SER B 70 13.38 19.56 2.24
C SER B 70 14.13 18.32 1.78
N VAL B 71 14.38 17.43 2.74
CA VAL B 71 15.03 16.16 2.42
C VAL B 71 14.08 15.38 1.53
N LYS B 72 12.88 15.12 2.05
CA LYS B 72 11.81 14.51 1.27
C LYS B 72 11.80 15.02 -0.17
N LYS B 73 11.75 16.33 -0.35
CA LYS B 73 11.66 16.90 -1.69
C LYS B 73 12.84 16.61 -2.62
N ASN B 74 13.94 16.09 -2.07
CA ASN B 74 15.14 15.83 -2.86
C ASN B 74 15.36 14.33 -3.13
N TYR B 75 14.41 13.53 -2.69
CA TYR B 75 14.33 12.17 -3.13
C TYR B 75 13.52 12.14 -4.38
N ARG B 76 14.00 11.44 -5.41
CA ARG B 76 13.27 11.37 -6.66
C ARG B 76 12.17 10.31 -6.61
N ARG B 77 11.42 10.16 -7.69
CA ARG B 77 10.24 9.27 -7.69
C ARG B 77 10.53 7.95 -8.39
N VAL B 78 11.67 7.37 -8.04
CA VAL B 78 12.16 6.14 -8.66
C VAL B 78 11.52 4.98 -7.86
N PRO B 79 11.50 3.76 -8.42
CA PRO B 79 10.75 2.72 -7.74
C PRO B 79 11.27 2.31 -6.35
N TYR B 80 12.58 2.36 -6.09
CA TYR B 80 13.09 1.90 -4.79
C TYR B 80 13.89 2.88 -3.97
N HIS B 81 14.90 3.53 -4.54
CA HIS B 81 15.76 4.43 -3.76
C HIS B 81 15.05 5.75 -3.56
N ASN B 82 13.95 5.69 -2.82
CA ASN B 82 13.11 6.85 -2.66
C ASN B 82 12.91 7.19 -1.21
N TRP B 83 11.94 8.06 -0.97
CA TRP B 83 11.66 8.66 0.32
C TRP B 83 11.23 7.63 1.31
N LYS B 84 10.48 6.66 0.81
CA LYS B 84 10.09 5.54 1.56
C LYS B 84 11.32 4.73 2.00
N HIS B 85 12.30 4.56 1.10
CA HIS B 85 13.53 3.87 1.45
C HIS B 85 14.22 4.66 2.54
N ALA B 86 14.37 5.97 2.30
CA ALA B 86 14.94 6.88 3.31
C ALA B 86 14.42 6.65 4.75
N VAL B 87 13.11 6.55 4.91
CA VAL B 87 12.51 6.46 6.23
C VAL B 87 12.56 5.03 6.82
N THR B 88 12.54 4.00 5.98
CA THR B 88 12.70 2.60 6.40
C THR B 88 14.07 2.37 7.01
N VAL B 89 15.09 2.85 6.29
CA VAL B 89 16.46 2.81 6.78
C VAL B 89 16.61 3.62 8.06
N ALA B 90 16.12 4.88 8.06
CA ALA B 90 16.08 5.65 9.31
C ALA B 90 15.37 4.92 10.45
N HIS B 91 14.27 4.23 10.16
CA HIS B 91 13.55 3.53 11.26
C HIS B 91 14.29 2.34 11.83
N CYS B 92 14.97 1.57 10.99
CA CYS B 92 15.77 0.45 11.43
C CYS B 92 16.95 0.92 12.28
N MET B 93 17.40 2.13 12.03
CA MET B 93 18.53 2.67 12.80
C MET B 93 18.06 3.07 14.21
N TYR B 94 16.86 3.62 14.26
CA TYR B 94 16.22 3.99 15.49
C TYR B 94 16.03 2.78 16.37
N ALA B 95 15.62 1.67 15.79
CA ALA B 95 15.44 0.44 16.54
C ALA B 95 16.77 -0.06 17.07
N ILE B 96 17.82 0.05 16.26
CA ILE B 96 19.17 -0.35 16.67
C ILE B 96 19.63 0.59 17.80
N LEU B 97 19.52 1.89 17.56
CA LEU B 97 19.96 2.80 18.62
C LEU B 97 19.22 2.59 19.95
N GLN B 98 17.91 2.40 19.89
CA GLN B 98 17.07 2.21 21.08
C GLN B 98 17.44 0.98 21.90
N ASN B 99 17.73 -0.11 21.20
CA ASN B 99 18.09 -1.36 21.80
C ASN B 99 19.57 -1.46 22.21
N ASN B 100 20.31 -0.36 22.07
CA ASN B 100 21.72 -0.37 22.41
C ASN B 100 22.04 0.99 22.90
N HIS B 101 21.08 1.57 23.59
CA HIS B 101 21.09 2.99 23.86
C HIS B 101 22.36 3.55 24.39
N THR B 102 22.97 2.93 25.40
CA THR B 102 24.12 3.62 25.97
C THR B 102 25.42 3.45 25.20
N LEU B 103 25.46 2.55 24.22
CA LEU B 103 26.68 2.32 23.47
C LEU B 103 27.10 3.51 22.62
N PHE B 104 26.17 4.43 22.37
CA PHE B 104 26.45 5.52 21.46
C PHE B 104 26.24 6.85 22.12
N THR B 105 26.85 7.88 21.58
CA THR B 105 26.76 9.23 22.15
C THR B 105 25.54 9.92 21.59
N ASP B 106 24.96 10.84 22.36
CA ASP B 106 23.97 11.81 21.84
C ASP B 106 24.32 12.28 20.45
N LEU B 107 25.56 12.66 20.26
CA LEU B 107 26.06 13.16 18.98
C LEU B 107 25.99 12.09 17.87
N GLU B 108 26.31 10.83 18.19
CA GLU B 108 26.25 9.74 17.21
C GLU B 108 24.78 9.45 16.86
N ARG B 109 23.93 9.32 17.87
CA ARG B 109 22.50 9.13 17.64
C ARG B 109 21.88 10.25 16.76
N LYS B 110 22.19 11.50 17.02
CA LYS B 110 21.69 12.58 16.15
C LYS B 110 22.21 12.37 14.72
N GLY B 111 23.51 12.09 14.59
CA GLY B 111 24.18 12.02 13.33
C GLY B 111 23.68 10.88 12.49
N LEU B 112 23.61 9.68 13.08
CA LEU B 112 23.20 8.49 12.35
C LEU B 112 21.73 8.54 11.94
N LEU B 113 20.85 9.14 12.73
CA LEU B 113 19.43 9.19 12.33
C LEU B 113 19.31 10.12 11.13
N ILE B 114 19.92 11.28 11.22
CA ILE B 114 19.99 12.18 10.08
C ILE B 114 20.64 11.56 8.84
N ALA B 115 21.77 10.89 9.02
CA ALA B 115 22.48 10.34 7.90
C ALA B 115 21.60 9.32 7.16
N CYS B 116 20.94 8.43 7.90
CA CYS B 116 20.02 7.48 7.28
C CYS B 116 18.90 8.14 6.51
N LEU B 117 18.31 9.18 7.06
CA LEU B 117 17.32 9.92 6.32
C LEU B 117 17.87 10.41 5.01
N CYS B 118 19.14 10.80 4.98
CA CYS B 118 19.75 11.49 3.85
C CYS B 118 20.55 10.62 2.91
N HIS B 119 20.75 9.36 3.31
CA HIS B 119 21.78 8.53 2.72
C HIS B 119 21.71 8.22 1.24
N ASP B 120 20.54 8.24 0.64
CA ASP B 120 20.42 8.12 -0.83
C ASP B 120 19.86 9.43 -1.47
N LEU B 121 20.15 10.60 -0.91
CA LEU B 121 19.57 11.85 -1.46
C LEU B 121 19.82 12.04 -2.95
N ASP B 122 18.75 12.23 -3.71
CA ASP B 122 18.83 12.57 -5.13
C ASP B 122 19.27 11.36 -5.96
N HIS B 123 19.00 10.15 -5.47
CA HIS B 123 19.31 8.96 -6.25
C HIS B 123 18.53 9.04 -7.53
N ARG B 124 19.17 8.69 -8.64
CA ARG B 124 18.49 8.63 -9.95
C ARG B 124 18.15 7.22 -10.43
N GLY B 125 18.20 6.21 -9.56
CA GLY B 125 17.95 4.85 -9.98
C GLY B 125 19.02 4.27 -10.92
N PHE B 126 20.27 4.71 -10.75
CA PHE B 126 21.38 4.13 -11.50
C PHE B 126 22.51 3.72 -10.54
N SER B 127 23.06 2.54 -10.75
CA SER B 127 24.15 2.04 -9.93
C SER B 127 25.44 2.85 -10.16
N ASN B 128 26.36 2.81 -9.21
CA ASN B 128 27.70 3.44 -9.36
C ASN B 128 28.40 2.86 -10.61
N SER B 129 28.12 1.59 -10.91
CA SER B 129 28.74 0.95 -12.06
C SER B 129 28.28 1.56 -13.39
N TYR B 130 27.04 1.96 -13.46
CA TYR B 130 26.50 2.54 -14.65
C TYR B 130 27.11 3.92 -14.89
N LEU B 131 27.09 4.77 -13.87
CA LEU B 131 27.64 6.12 -13.95
C LEU B 131 29.09 6.16 -14.38
N GLN B 132 29.87 5.20 -13.92
CA GLN B 132 31.28 5.15 -14.22
C GLN B 132 31.48 4.44 -15.53
N LYS B 133 31.10 3.18 -15.54
CA LYS B 133 31.26 2.30 -16.71
C LYS B 133 30.69 2.88 -18.00
N PHE B 134 29.82 3.89 -17.92
CA PHE B 134 29.33 4.58 -19.13
C PHE B 134 29.22 6.06 -18.93
N ASP B 135 30.22 6.59 -18.23
CA ASP B 135 30.75 7.93 -18.28
C ASP B 135 29.84 9.13 -18.01
N HIS B 136 29.17 9.11 -16.84
CA HIS B 136 28.32 10.21 -16.36
C HIS B 136 29.17 11.29 -15.72
N PRO B 137 28.71 12.56 -15.73
CA PRO B 137 29.48 13.64 -15.12
C PRO B 137 29.90 13.42 -13.65
N LEU B 138 29.09 12.68 -12.89
CA LEU B 138 29.39 12.42 -11.45
C LEU B 138 30.51 11.39 -11.20
N ALA B 139 30.69 10.47 -12.14
CA ALA B 139 31.78 9.51 -12.06
C ALA B 139 33.10 10.17 -12.45
N ALA B 140 32.99 11.31 -13.11
CA ALA B 140 34.17 12.06 -13.50
C ALA B 140 34.59 12.89 -12.30
N LEU B 141 33.63 13.16 -11.43
CA LEU B 141 33.82 13.98 -10.24
C LEU B 141 34.20 13.21 -8.96
N TYR B 142 33.64 12.02 -8.79
CA TYR B 142 34.07 11.12 -7.74
C TYR B 142 34.23 9.74 -8.34
N SER B 143 35.37 9.09 -8.16
CA SER B 143 35.62 7.88 -8.94
C SER B 143 35.60 6.60 -8.13
N THR B 144 35.47 6.73 -6.82
CA THR B 144 35.05 5.60 -6.03
C THR B 144 33.79 6.07 -5.29
N SER B 145 32.85 5.14 -5.09
CA SER B 145 31.70 5.42 -4.24
C SER B 145 30.89 6.60 -4.69
N THR B 146 30.74 6.73 -5.99
CA THR B 146 30.24 7.94 -6.62
C THR B 146 28.99 8.49 -5.95
N MET B 147 27.90 7.72 -6.04
CA MET B 147 26.60 8.18 -5.55
C MET B 147 26.64 8.59 -4.12
N GLU B 148 27.31 7.78 -3.29
CA GLU B 148 27.45 8.07 -1.87
C GLU B 148 28.11 9.43 -1.57
N GLN B 149 29.12 9.82 -2.33
CA GLN B 149 29.78 11.11 -2.12
C GLN B 149 28.83 12.23 -2.52
N HIS B 150 28.10 11.98 -3.58
CA HIS B 150 27.02 12.86 -3.96
C HIS B 150 25.97 13.01 -2.88
N HIS B 151 25.46 11.91 -2.34
CA HIS B 151 24.45 11.99 -1.26
C HIS B 151 24.93 12.82 -0.09
N PHE B 152 26.19 12.72 0.28
CA PHE B 152 26.67 13.50 1.44
C PHE B 152 26.75 14.98 1.07
N SER B 153 27.22 15.24 -0.14
CA SER B 153 27.28 16.58 -0.65
C SER B 153 25.88 17.19 -0.62
N GLN B 154 24.89 16.41 -1.03
CA GLN B 154 23.48 16.86 -0.99
C GLN B 154 23.00 17.21 0.42
N THR B 155 23.37 16.36 1.37
CA THR B 155 23.04 16.50 2.79
C THR B 155 23.55 17.80 3.36
N VAL B 156 24.83 18.08 3.11
CA VAL B 156 25.50 19.34 3.45
C VAL B 156 24.80 20.54 2.73
N SER B 157 24.50 20.38 1.45
CA SER B 157 23.84 21.47 0.74
C SER B 157 22.51 21.80 1.36
N ILE B 158 21.84 20.80 1.95
CA ILE B 158 20.55 21.09 2.58
C ILE B 158 20.74 21.69 3.96
N LEU B 159 21.81 21.28 4.64
CA LEU B 159 22.18 21.95 5.88
C LEU B 159 22.45 23.43 5.62
N GLN B 160 23.08 23.73 4.49
CA GLN B 160 23.59 25.07 4.28
C GLN B 160 22.53 26.05 3.80
N LEU B 161 21.28 25.61 3.75
CA LEU B 161 20.19 26.46 3.30
C LEU B 161 19.60 27.26 4.45
N GLU B 162 19.15 28.47 4.10
CA GLU B 162 18.46 29.37 5.01
C GLU B 162 17.50 28.67 5.95
N GLY B 163 17.78 28.73 7.25
CA GLY B 163 16.85 28.21 8.24
C GLY B 163 16.82 26.69 8.43
N HIS B 164 17.75 25.99 7.76
CA HIS B 164 17.74 24.53 7.84
C HIS B 164 18.72 23.95 8.84
N ASN B 165 19.77 24.69 9.20
CA ASN B 165 20.87 24.10 9.94
C ASN B 165 20.57 23.67 11.35
N ILE B 166 20.04 22.47 11.45
CA ILE B 166 19.63 21.87 12.70
C ILE B 166 20.80 21.71 13.66
N PHE B 167 22.04 21.83 13.17
CA PHE B 167 23.24 21.59 13.99
C PHE B 167 23.89 22.86 14.52
N SER B 168 23.41 23.99 13.98
CA SER B 168 23.81 25.36 14.33
C SER B 168 24.10 25.63 15.81
N THR B 169 23.35 25.02 16.71
CA THR B 169 23.60 25.26 18.15
C THR B 169 24.63 24.31 18.81
N LEU B 170 25.33 23.53 18.00
CA LEU B 170 26.46 22.77 18.53
C LEU B 170 27.69 23.66 18.50
N SER B 171 28.68 23.37 19.34
CA SER B 171 30.02 23.97 19.21
C SER B 171 30.63 23.61 17.85
N SER B 172 31.64 24.34 17.39
CA SER B 172 32.19 24.08 16.03
C SER B 172 32.98 22.76 16.02
N SER B 173 33.43 22.35 17.20
CA SER B 173 34.07 21.08 17.44
C SER B 173 33.07 19.96 17.30
N GLU B 174 31.99 20.06 18.06
CA GLU B 174 30.83 19.19 17.91
C GLU B 174 30.19 19.18 16.51
N TYR B 175 30.01 20.37 15.91
CA TYR B 175 29.48 20.53 14.54
C TYR B 175 30.31 19.81 13.49
N GLU B 176 31.62 19.95 13.63
CA GLU B 176 32.57 19.39 12.72
C GLU B 176 32.80 17.89 12.96
N GLN B 177 32.16 17.33 13.98
CA GLN B 177 32.41 15.97 14.43
C GLN B 177 31.22 15.15 13.98
N VAL B 178 30.06 15.78 14.02
CA VAL B 178 28.86 15.11 13.61
C VAL B 178 28.79 15.00 12.08
N LEU B 179 29.20 16.06 11.38
CA LEU B 179 29.32 16.04 9.95
C LEU B 179 30.27 14.91 9.48
N GLU B 180 31.29 14.60 10.26
CA GLU B 180 32.21 13.51 9.93
C GLU B 180 31.53 12.15 10.20
N ILE B 181 30.83 12.06 11.33
CA ILE B 181 30.04 10.87 11.61
C ILE B 181 29.08 10.69 10.43
N ILE B 182 28.43 11.77 9.99
CA ILE B 182 27.47 11.70 8.87
C ILE B 182 28.15 11.25 7.58
N ARG B 183 29.23 11.91 7.18
CA ARG B 183 30.01 11.49 6.02
C ARG B 183 30.41 10.00 6.09
N LYS B 184 31.09 9.58 7.16
CA LYS B 184 31.52 8.14 7.23
C LYS B 184 30.35 7.22 7.09
N ALA B 185 29.22 7.64 7.66
CA ALA B 185 28.04 6.79 7.67
C ALA B 185 27.43 6.58 6.28
N ILE B 186 27.30 7.68 5.53
CA ILE B 186 26.75 7.63 4.16
C ILE B 186 27.67 6.88 3.20
N ILE B 187 28.99 7.13 3.28
CA ILE B 187 30.00 6.39 2.46
C ILE B 187 29.93 4.94 2.73
N ALA B 188 29.63 4.58 3.97
CA ALA B 188 29.66 3.19 4.37
C ALA B 188 28.50 2.41 3.73
N THR B 189 27.48 3.14 3.23
CA THR B 189 26.33 2.48 2.58
C THR B 189 26.68 1.98 1.17
N ASP B 190 27.83 2.37 0.63
CA ASP B 190 28.23 1.83 -0.63
C ASP B 190 28.54 0.33 -0.43
N LEU B 191 27.75 -0.56 -0.99
CA LEU B 191 27.93 -2.01 -0.73
C LEU B 191 29.32 -2.55 -0.98
N ALA B 192 29.98 -1.99 -1.99
CA ALA B 192 31.35 -2.39 -2.33
C ALA B 192 32.35 -2.30 -1.18
N LEU B 193 32.14 -1.33 -0.30
CA LEU B 193 32.94 -1.21 0.93
C LEU B 193 32.55 -2.26 1.96
N TYR B 194 31.28 -2.66 1.93
CA TYR B 194 30.76 -3.48 3.00
C TYR B 194 31.54 -4.78 3.20
N PHE B 195 31.94 -5.46 2.12
CA PHE B 195 32.63 -6.77 2.24
C PHE B 195 33.92 -6.76 3.00
N GLY B 196 34.81 -5.83 2.68
CA GLY B 196 36.04 -5.64 3.44
C GLY B 196 35.75 -5.34 4.90
N ASN B 197 34.79 -4.44 5.13
CA ASN B 197 34.47 -3.95 6.47
C ASN B 197 33.94 -5.07 7.34
N ARG B 198 33.05 -5.89 6.80
CA ARG B 198 32.50 -7.02 7.55
C ARG B 198 33.60 -8.03 7.93
N LYS B 199 34.61 -8.17 7.06
CA LYS B 199 35.70 -9.14 7.20
C LYS B 199 36.59 -8.71 8.36
N GLN B 200 37.08 -7.49 8.29
CA GLN B 200 37.79 -6.89 9.39
C GLN B 200 37.08 -7.15 10.72
N LEU B 201 35.78 -6.85 10.78
CA LEU B 201 35.02 -6.88 12.01
C LEU B 201 34.93 -8.30 12.52
N GLU B 202 34.65 -9.21 11.60
CA GLU B 202 34.60 -10.62 11.87
C GLU B 202 35.84 -11.11 12.63
N GLU B 203 37.01 -10.75 12.09
CA GLU B 203 38.34 -11.00 12.66
C GLU B 203 38.49 -10.40 14.09
N MET B 204 38.43 -9.07 14.18
CA MET B 204 38.52 -8.33 15.44
C MET B 204 37.61 -8.91 16.53
N TYR B 205 36.44 -9.41 16.13
CA TYR B 205 35.52 -9.95 17.10
C TYR B 205 36.09 -11.27 17.53
N GLN B 206 36.46 -12.07 16.54
CA GLN B 206 37.01 -13.40 16.76
C GLN B 206 38.25 -13.43 17.67
N THR B 207 39.28 -12.65 17.33
CA THR B 207 40.45 -12.54 18.21
C THR B 207 40.15 -11.84 19.54
N GLY B 208 38.97 -11.23 19.67
CA GLY B 208 38.59 -10.49 20.88
C GLY B 208 39.30 -9.14 21.02
N SER B 209 39.69 -8.58 19.89
CA SER B 209 40.44 -7.33 19.90
C SER B 209 39.59 -6.11 19.55
N LEU B 210 38.32 -6.35 19.27
CA LEU B 210 37.36 -5.30 18.96
C LEU B 210 37.13 -4.45 20.18
N ASN B 211 37.20 -3.12 20.02
CA ASN B 211 37.15 -2.20 21.14
C ASN B 211 36.48 -0.91 20.74
N LEU B 212 35.24 -0.75 21.17
CA LEU B 212 34.44 0.44 20.89
C LEU B 212 35.03 1.77 21.40
N ASN B 213 36.02 1.74 22.32
CA ASN B 213 36.75 2.99 22.67
C ASN B 213 37.81 3.39 21.66
N ASN B 214 38.05 2.52 20.67
CA ASN B 214 39.01 2.81 19.60
C ASN B 214 38.25 3.30 18.38
N GLN B 215 38.41 4.59 18.06
CA GLN B 215 37.56 5.30 17.09
C GLN B 215 37.47 4.56 15.74
N SER B 216 38.58 3.96 15.34
CA SER B 216 38.62 3.24 14.09
C SER B 216 37.73 1.98 14.11
N HIS B 217 37.67 1.30 15.25
CA HIS B 217 36.73 0.19 15.49
C HIS B 217 35.30 0.64 15.54
N ARG B 218 35.08 1.76 16.24
CA ARG B 218 33.80 2.38 16.31
C ARG B 218 33.28 2.64 14.88
N ASP B 219 34.04 3.37 14.07
CA ASP B 219 33.59 3.66 12.67
C ASP B 219 33.24 2.38 11.96
N ARG B 220 34.01 1.32 12.17
CA ARG B 220 33.70 0.11 11.47
C ARG B 220 32.33 -0.37 11.89
N VAL B 221 32.01 -0.25 13.18
CA VAL B 221 30.77 -0.82 13.67
C VAL B 221 29.60 -0.04 13.12
N ILE B 222 29.74 1.27 13.15
CA ILE B 222 28.73 2.16 12.62
C ILE B 222 28.45 1.80 11.16
N GLY B 223 29.50 1.75 10.35
CA GLY B 223 29.40 1.23 8.99
C GLY B 223 28.52 -0.01 8.82
N LEU B 224 28.81 -1.04 9.59
CA LEU B 224 28.03 -2.29 9.49
C LEU B 224 26.55 -2.02 9.84
N MET B 225 26.34 -1.22 10.89
CA MET B 225 24.99 -0.72 11.22
C MET B 225 24.33 -0.07 10.00
N MET B 226 25.07 0.78 9.27
CA MET B 226 24.48 1.43 8.10
C MET B 226 24.07 0.40 7.03
N THR B 227 24.90 -0.60 6.77
CA THR B 227 24.52 -1.64 5.80
C THR B 227 23.34 -2.42 6.37
N ALA B 228 23.32 -2.67 7.68
CA ALA B 228 22.22 -3.51 8.15
C ALA B 228 20.92 -2.72 7.97
N CYS B 229 20.95 -1.43 8.21
CA CYS B 229 19.78 -0.59 7.97
C CYS B 229 19.41 -0.43 6.52
N ASP B 230 20.42 -0.29 5.66
CA ASP B 230 20.17 -0.13 4.24
C ASP B 230 19.45 -1.33 3.67
N LEU B 231 19.73 -2.53 4.22
CA LEU B 231 19.17 -3.74 3.65
C LEU B 231 17.93 -4.21 4.37
N CYS B 232 17.44 -3.43 5.33
CA CYS B 232 16.54 -4.02 6.32
C CYS B 232 15.27 -4.51 5.70
N SER B 233 14.97 -4.05 4.50
CA SER B 233 13.79 -4.55 3.85
C SER B 233 13.79 -6.09 3.69
N VAL B 234 14.96 -6.73 3.82
CA VAL B 234 14.99 -8.22 3.89
C VAL B 234 14.61 -8.79 5.28
N THR B 235 14.42 -7.91 6.28
CA THR B 235 14.15 -8.33 7.66
C THR B 235 12.67 -8.18 8.01
N LYS B 236 11.89 -7.74 7.02
CA LYS B 236 10.46 -7.57 7.21
C LYS B 236 9.75 -8.89 7.01
N LEU B 237 8.45 -8.88 7.22
CA LEU B 237 7.63 -10.05 7.03
C LEU B 237 7.52 -10.35 5.57
N TRP B 238 7.41 -11.63 5.28
CA TRP B 238 7.49 -12.06 3.90
C TRP B 238 6.76 -11.28 2.81
N PRO B 239 5.46 -11.00 2.98
CA PRO B 239 4.73 -10.23 1.93
C PRO B 239 5.32 -8.82 1.66
N VAL B 240 5.74 -8.15 2.72
CA VAL B 240 6.43 -6.88 2.55
C VAL B 240 7.69 -7.05 1.68
N THR B 241 8.58 -7.95 2.13
CA THR B 241 9.87 -8.27 1.52
C THR B 241 9.73 -8.63 0.05
N LYS B 242 8.81 -9.55 -0.24
CA LYS B 242 8.47 -9.92 -1.63
C LYS B 242 8.08 -8.67 -2.46
N LEU B 243 7.21 -7.83 -1.90
CA LEU B 243 6.78 -6.55 -2.55
C LEU B 243 7.95 -5.61 -2.78
N THR B 244 8.87 -5.57 -1.82
CA THR B 244 9.97 -4.63 -1.91
C THR B 244 10.93 -5.06 -3.00
N ALA B 245 11.14 -6.37 -3.09
CA ALA B 245 11.90 -6.98 -4.15
C ALA B 245 11.40 -6.53 -5.50
N ASN B 246 10.10 -6.51 -5.69
CA ASN B 246 9.56 -5.94 -6.93
C ASN B 246 10.04 -4.51 -7.23
N ASP B 247 10.09 -3.65 -6.20
CA ASP B 247 10.51 -2.27 -6.38
C ASP B 247 11.98 -2.16 -6.82
N ILE B 248 12.85 -2.96 -6.17
CA ILE B 248 14.29 -2.87 -6.44
C ILE B 248 14.51 -3.43 -7.84
N TYR B 249 13.83 -4.51 -8.21
CA TYR B 249 14.02 -5.03 -9.57
C TYR B 249 13.48 -4.10 -10.61
N ALA B 250 12.40 -3.41 -10.31
CA ALA B 250 11.88 -2.37 -11.20
C ALA B 250 13.00 -1.37 -11.53
N GLU B 251 13.74 -0.91 -10.53
CA GLU B 251 14.88 -0.06 -10.80
C GLU B 251 15.94 -0.68 -11.64
N PHE B 252 16.51 -1.79 -11.17
CA PHE B 252 17.47 -2.60 -11.92
C PHE B 252 17.13 -2.79 -13.38
N TRP B 253 15.89 -3.16 -13.65
CA TRP B 253 15.52 -3.55 -15.02
C TRP B 253 15.45 -2.34 -15.87
N ALA B 254 15.13 -1.20 -15.28
CA ALA B 254 15.05 0.02 -16.04
C ALA B 254 16.46 0.45 -16.48
N GLU B 255 17.43 0.24 -15.60
CA GLU B 255 18.82 0.51 -15.91
C GLU B 255 19.36 -0.50 -16.96
N GLY B 256 18.87 -1.74 -16.86
CA GLY B 256 19.15 -2.73 -17.87
C GLY B 256 18.51 -2.38 -19.21
N ASP B 257 17.31 -1.82 -19.17
CA ASP B 257 16.62 -1.36 -20.41
C ASP B 257 17.41 -0.27 -21.09
N GLU B 258 17.94 0.66 -20.30
CA GLU B 258 18.86 1.68 -20.81
C GLU B 258 20.14 1.13 -21.42
N MET B 259 20.73 0.09 -20.82
CA MET B 259 21.94 -0.52 -21.39
C MET B 259 21.64 -1.19 -22.71
N LYS B 260 20.57 -1.99 -22.76
CA LYS B 260 20.10 -2.61 -24.00
C LYS B 260 19.96 -1.59 -25.14
N LYS B 261 19.40 -0.42 -24.83
CA LYS B 261 19.25 0.68 -25.78
C LYS B 261 20.56 1.15 -26.43
N LEU B 262 21.69 0.81 -25.83
CA LEU B 262 23.00 1.01 -26.48
C LEU B 262 23.68 -0.32 -26.78
N GLY B 263 22.96 -1.26 -27.38
CA GLY B 263 23.50 -2.60 -27.66
C GLY B 263 24.52 -3.15 -26.67
N ILE B 264 24.30 -2.91 -25.38
CA ILE B 264 25.13 -3.48 -24.30
C ILE B 264 24.24 -4.39 -23.47
N GLN B 265 24.61 -5.67 -23.36
CA GLN B 265 23.81 -6.65 -22.63
C GLN B 265 24.08 -6.37 -21.15
N PRO B 266 23.03 -6.21 -20.34
CA PRO B 266 23.18 -6.04 -18.90
C PRO B 266 23.50 -7.38 -18.25
N ILE B 267 24.14 -7.33 -17.08
CA ILE B 267 24.24 -8.51 -16.26
C ILE B 267 22.82 -9.03 -15.99
N PRO B 268 22.69 -10.35 -15.69
CA PRO B 268 21.34 -10.85 -15.56
C PRO B 268 20.46 -10.14 -14.49
N MET B 269 21.06 -9.75 -13.36
CA MET B 269 20.35 -9.05 -12.32
C MET B 269 19.57 -7.83 -12.85
N MET B 270 20.01 -7.29 -13.96
CA MET B 270 19.37 -6.07 -14.50
C MET B 270 18.57 -6.29 -15.77
N ASP B 271 18.26 -7.54 -16.07
CA ASP B 271 17.68 -7.90 -17.33
C ASP B 271 16.33 -8.52 -17.10
N ARG B 272 15.29 -7.73 -17.33
CA ARG B 272 13.91 -8.18 -17.13
C ARG B 272 13.47 -9.41 -17.97
N ASP B 273 14.25 -9.80 -18.97
CA ASP B 273 14.07 -11.09 -19.66
C ASP B 273 14.70 -12.24 -18.84
N LYS B 274 15.27 -11.90 -17.67
CA LYS B 274 15.83 -12.95 -16.83
C LYS B 274 15.16 -13.10 -15.50
N LYS B 275 13.92 -12.61 -15.43
CA LYS B 275 13.05 -12.73 -14.25
C LYS B 275 13.14 -14.05 -13.48
N ASP B 276 13.30 -15.16 -14.21
CA ASP B 276 13.18 -16.52 -13.65
C ASP B 276 14.26 -16.83 -12.66
N GLU B 277 15.37 -16.14 -12.84
CA GLU B 277 16.53 -16.34 -12.03
C GLU B 277 16.48 -15.49 -10.77
N VAL B 278 15.46 -14.64 -10.65
CA VAL B 278 15.32 -13.80 -9.46
C VAL B 278 15.41 -14.64 -8.16
N PRO B 279 14.61 -15.73 -8.04
CA PRO B 279 14.62 -16.39 -6.75
C PRO B 279 15.99 -16.86 -6.39
N GLN B 280 16.68 -17.38 -7.38
CA GLN B 280 18.02 -17.81 -7.18
C GLN B 280 18.93 -16.66 -6.81
N GLY B 281 18.76 -15.52 -7.47
CA GLY B 281 19.56 -14.34 -7.18
C GLY B 281 19.40 -13.87 -5.74
N GLN B 282 18.17 -13.78 -5.28
CA GLN B 282 17.87 -13.49 -3.89
C GLN B 282 18.57 -14.49 -2.95
N LEU B 283 18.46 -15.77 -3.26
CA LEU B 283 19.08 -16.77 -2.41
C LEU B 283 20.55 -16.49 -2.25
N GLY B 284 21.21 -16.20 -3.37
CA GLY B 284 22.63 -15.87 -3.30
C GLY B 284 22.93 -14.62 -2.49
N PHE B 285 22.09 -13.60 -2.67
CA PHE B 285 22.26 -12.33 -1.98
C PHE B 285 22.12 -12.56 -0.45
N TYR B 286 21.12 -13.34 -0.05
CA TYR B 286 20.93 -13.63 1.37
C TYR B 286 22.18 -14.33 1.90
N ASN B 287 22.67 -15.27 1.12
CA ASN B 287 23.80 -16.07 1.55
C ASN B 287 25.13 -15.33 1.55
N ALA B 288 25.39 -14.59 0.47
CA ALA B 288 26.66 -13.97 0.34
C ALA B 288 26.70 -12.61 1.02
N VAL B 289 25.54 -11.99 1.19
CA VAL B 289 25.52 -10.58 1.65
C VAL B 289 24.77 -10.31 2.94
N ALA B 290 23.46 -10.56 2.91
CA ALA B 290 22.57 -10.24 4.03
C ALA B 290 22.76 -11.14 5.27
N ILE B 291 22.79 -12.45 5.12
CA ILE B 291 23.01 -13.29 6.33
C ILE B 291 24.32 -12.90 7.03
N PRO B 292 25.43 -12.78 6.25
CA PRO B 292 26.68 -12.36 6.88
C PRO B 292 26.56 -11.05 7.64
N CYS B 293 25.83 -10.09 7.06
CA CYS B 293 25.68 -8.78 7.64
C CYS B 293 25.02 -8.91 9.01
N TYR B 294 23.82 -9.48 9.03
CA TYR B 294 23.05 -9.59 10.25
C TYR B 294 23.70 -10.51 11.30
N THR B 295 24.44 -11.53 10.85
CA THR B 295 25.20 -12.42 11.73
C THR B 295 26.29 -11.68 12.51
N THR B 296 27.14 -10.97 11.79
CA THR B 296 28.19 -10.22 12.45
C THR B 296 27.61 -9.09 13.31
N LEU B 297 26.59 -8.38 12.80
CA LEU B 297 25.96 -7.29 13.56
C LEU B 297 25.38 -7.81 14.86
N THR B 298 24.85 -9.01 14.85
CA THR B 298 24.35 -9.65 16.06
C THR B 298 25.46 -10.00 17.04
N GLN B 299 26.59 -10.46 16.53
CA GLN B 299 27.74 -10.80 17.38
C GLN B 299 28.26 -9.59 18.15
N ILE B 300 28.29 -8.45 17.47
CA ILE B 300 28.79 -7.19 18.03
C ILE B 300 27.71 -6.52 18.85
N LEU B 301 26.45 -6.67 18.46
CA LEU B 301 25.40 -5.97 19.18
C LEU B 301 24.27 -6.96 19.35
N PRO B 302 24.36 -7.84 20.38
CA PRO B 302 23.39 -8.94 20.57
C PRO B 302 21.90 -8.51 20.56
N PRO B 303 21.56 -7.31 21.05
CA PRO B 303 20.14 -6.94 20.96
C PRO B 303 19.54 -6.87 19.54
N THR B 304 20.37 -6.93 18.48
CA THR B 304 19.89 -6.81 17.07
C THR B 304 19.58 -8.17 16.46
N GLU B 305 19.64 -9.21 17.28
CA GLU B 305 19.32 -10.53 16.81
C GLU B 305 18.01 -10.66 16.00
N PRO B 306 16.93 -9.96 16.39
CA PRO B 306 15.68 -10.13 15.62
C PRO B 306 15.81 -9.83 14.13
N LEU B 307 16.71 -8.91 13.76
CA LEU B 307 17.08 -8.65 12.36
C LEU B 307 17.58 -9.89 11.66
N LEU B 308 18.51 -10.58 12.32
CA LEU B 308 19.07 -11.84 11.81
C LEU B 308 18.02 -12.91 11.79
N LYS B 309 17.16 -12.92 12.80
CA LYS B 309 16.12 -13.93 12.89
C LYS B 309 15.19 -13.85 11.68
N ALA B 310 14.69 -12.64 11.36
CA ALA B 310 13.74 -12.39 10.26
C ALA B 310 14.32 -12.62 8.84
N CYS B 311 15.61 -12.33 8.71
CA CYS B 311 16.35 -12.54 7.46
C CYS B 311 16.43 -14.04 7.18
N ARG B 312 16.83 -14.82 8.19
CA ARG B 312 16.71 -16.26 8.13
C ARG B 312 15.35 -16.74 7.69
N ASP B 313 14.26 -16.11 8.17
CA ASP B 313 12.90 -16.51 7.76
C ASP B 313 12.61 -16.20 6.31
N ASN B 314 13.02 -15.00 5.85
CA ASN B 314 12.86 -14.67 4.41
C ASN B 314 13.78 -15.56 3.54
N LEU B 315 14.96 -15.90 4.03
CA LEU B 315 15.80 -16.85 3.29
C LEU B 315 15.05 -18.15 3.02
N SER B 316 14.47 -18.72 4.08
CA SER B 316 13.62 -19.90 4.01
C SER B 316 12.53 -19.81 2.97
N GLN B 317 11.92 -18.63 2.89
CA GLN B 317 10.85 -18.39 1.93
C GLN B 317 11.41 -18.43 0.50
N TRP B 318 12.58 -17.83 0.27
CA TRP B 318 13.18 -17.92 -1.06
C TRP B 318 13.57 -19.34 -1.44
N GLU B 319 14.14 -20.12 -0.49
CA GLU B 319 14.39 -21.55 -0.70
C GLU B 319 13.12 -22.28 -1.09
N LYS B 320 12.01 -21.91 -0.43
CA LYS B 320 10.70 -22.46 -0.78
C LYS B 320 10.20 -22.06 -2.18
N VAL B 321 10.48 -20.82 -2.63
CA VAL B 321 9.98 -20.34 -3.95
C VAL B 321 10.70 -21.13 -5.02
N ILE B 322 11.96 -21.40 -4.74
CA ILE B 322 12.83 -22.14 -5.64
C ILE B 322 12.37 -23.59 -5.85
N ARG B 323 12.08 -24.31 -4.74
CA ARG B 323 11.68 -25.71 -4.80
C ARG B 323 10.24 -25.90 -5.27
N GLY B 324 9.59 -24.82 -5.69
CA GLY B 324 8.20 -24.85 -6.20
C GLY B 324 7.03 -24.80 -5.22
N GLU B 325 7.18 -24.15 -4.05
CA GLU B 325 6.13 -24.16 -3.00
C GLU B 325 5.55 -22.81 -2.58
N GLU B 326 5.53 -21.80 -3.46
CA GLU B 326 5.01 -20.48 -3.06
C GLU B 326 4.94 -19.48 -4.23
ZN ZN C . -17.95 -6.90 -5.96
MG MG D . -17.46 -7.62 -9.90
C22 D6X E . -2.30 -18.03 -0.66
C23 D6X E . -3.44 -17.86 0.11
C21 D6X E . -1.93 -17.06 -1.56
C17 D6X E . -2.30 -14.94 -2.61
C24 D6X E . -4.19 -16.70 -0.03
C16 D6X E . -3.05 -13.79 -2.75
C20 D6X E . -2.69 -15.90 -1.69
C19 D6X E . -3.83 -15.70 -0.92
C15 D6X E . -4.18 -13.67 -1.95
C8 D6X E . -8.14 -11.04 -2.09
C6 D6X E . -9.64 -10.27 -0.86
C2 D6X E . -11.93 -8.87 -1.66
C1 D6X E . -11.04 -9.30 -2.56
C3 D6X E . -11.54 -9.21 -0.28
C13 D6X E . -11.21 -9.06 -4.02
C14 D6X E . -12.48 -8.78 0.79
C10 D6X E . -6.94 -11.68 -2.60
C11 D6X E . -6.19 -12.49 -1.59
N18 D6X E . -4.58 -14.59 -1.05
N7 D6X E . -8.50 -10.93 -0.76
N9 D6X E . -8.98 -10.50 -2.97
N4 D6X E . -10.49 -9.86 0.12
N5 D6X E . -9.94 -10.01 -2.16
N12 D6X E . -4.87 -12.48 -2.16
ZN ZN F . 19.88 2.91 0.50
MG MG G . 22.81 3.87 -1.53
#